data_4UR1
#
_entry.id   4UR1
#
_cell.length_a   73.703
_cell.length_b   73.703
_cell.length_c   185.264
_cell.angle_alpha   90.00
_cell.angle_beta   90.00
_cell.angle_gamma   90.00
#
_symmetry.space_group_name_H-M   'P 41'
#
loop_
_entity.id
_entity.type
_entity.pdbx_description
1 polymer 'TETRACHLOROETHENE REDUCTIVE DEHALOGENASE CATALYTIC SUBUNIT PCEA'
2 non-polymer 'IRON/SULFUR CLUSTER'
3 non-polymer NORPSEUDO-B12
4 non-polymer CIS-DIBROMOETHENE
5 non-polymer BENZAMIDINE
6 non-polymer GLYCEROL
7 water water
#
_entity_poly.entity_id   1
_entity_poly.type   'polypeptide(L)'
_entity_poly.pdbx_seq_one_letter_code
;AEKEKNAAEIRQQFAMTAGSPIIVNDKLERYAEVRTAFTHPTSFFKPNYKGEVKPWFLSAYDEKVRQIENGENGPKMKAK
NVGEARAGRALEAAGWTLDINYGNIYPNRFFMLWSGETMTNTQLWAPVGLDRRPPDTTDPVELTNYVKFAARMAGADLVG
VARLNRNWVYSEAVTIPADVPYEQSLHKEIEKPIVFKDVPLPIETDDELIIPNTCENVIVAGIAMNREMMQTAPNSMACA
TTAFCYSRMCMFDMWLCQFIRYMGYYAIPSCNGVGQSVAFAVEAGLGQASRMGACITPEFGPNVRLTKVFTNMPLVPDKP
IDFGVTEFCETCKKCARECPSKAITEGPRTFEGRSIHNQSGKLQWQNDYNKCLGYWPESGGYCGVCVAVCPFTKGNIWIH
DGVEWLIDNTRFLDPLMLGMDDALGYGAKRNITEVWDGKINTYGLDADHFRDTVSFRKDRVKKS
;
_entity_poly.pdbx_strand_id   A,B
#
# COMPACT_ATOMS: atom_id res chain seq x y z
N ALA A 1 -39.03 -5.08 -0.75
CA ALA A 1 -37.87 -4.20 -0.86
C ALA A 1 -36.59 -5.01 -0.99
N GLU A 2 -35.58 -4.41 -1.61
CA GLU A 2 -34.32 -5.11 -1.84
C GLU A 2 -33.51 -5.22 -0.55
N LYS A 3 -33.11 -6.44 -0.21
CA LYS A 3 -32.24 -6.66 0.94
C LYS A 3 -30.85 -6.15 0.62
N GLU A 4 -30.30 -5.31 1.51
CA GLU A 4 -28.97 -4.75 1.28
C GLU A 4 -27.94 -5.86 1.38
N LYS A 5 -27.02 -5.87 0.42
CA LYS A 5 -26.02 -6.91 0.34
C LYS A 5 -25.26 -7.04 1.65
N ASN A 6 -25.05 -8.28 2.07
CA ASN A 6 -24.37 -8.57 3.31
C ASN A 6 -23.34 -9.67 3.05
N ALA A 7 -22.10 -9.25 2.83
CA ALA A 7 -21.05 -10.19 2.49
C ALA A 7 -20.77 -11.18 3.61
N ALA A 8 -20.93 -10.73 4.86
CA ALA A 8 -20.69 -11.60 6.01
C ALA A 8 -21.73 -12.71 6.06
N GLU A 9 -22.98 -12.35 5.81
CA GLU A 9 -24.10 -13.30 5.73
C GLU A 9 -23.85 -14.36 4.67
N ILE A 10 -23.38 -13.90 3.52
CA ILE A 10 -23.13 -14.78 2.39
C ILE A 10 -22.08 -15.81 2.79
N ARG A 11 -20.99 -15.34 3.41
CA ARG A 11 -19.93 -16.25 3.81
C ARG A 11 -20.42 -17.23 4.88
N GLN A 12 -21.26 -16.76 5.81
CA GLN A 12 -21.81 -17.65 6.81
C GLN A 12 -22.69 -18.72 6.19
N GLN A 13 -23.51 -18.33 5.21
CA GLN A 13 -24.43 -19.27 4.57
C GLN A 13 -23.72 -20.42 3.89
N PHE A 14 -22.58 -20.13 3.28
CA PHE A 14 -21.88 -21.10 2.44
C PHE A 14 -20.67 -21.75 3.11
N ALA A 15 -20.50 -21.50 4.39
CA ALA A 15 -19.42 -22.12 5.16
C ALA A 15 -19.56 -23.66 5.18
N MET A 16 -18.43 -24.34 4.99
N MET A 16 -18.45 -24.35 5.03
CA MET A 16 -18.35 -25.81 5.05
CA MET A 16 -18.47 -25.81 5.10
C MET A 16 -17.92 -26.26 6.45
C MET A 16 -17.83 -26.28 6.41
N THR A 17 -18.03 -27.56 6.71
CA THR A 17 -17.40 -28.16 7.88
C THR A 17 -15.91 -28.25 7.61
N ALA A 18 -15.13 -28.42 8.67
CA ALA A 18 -13.67 -28.45 8.57
C ALA A 18 -13.18 -29.57 7.67
N GLY A 19 -12.11 -29.29 6.93
CA GLY A 19 -11.46 -30.29 6.10
C GLY A 19 -11.02 -29.70 4.79
N SER A 20 -9.79 -30.00 4.36
CA SER A 20 -9.33 -29.48 3.08
C SER A 20 -10.27 -29.95 1.98
N PRO A 21 -10.78 -29.02 1.16
CA PRO A 21 -11.72 -29.34 0.08
C PRO A 21 -11.05 -30.02 -1.10
N ILE A 22 -9.73 -29.89 -1.22
CA ILE A 22 -9.03 -30.36 -2.41
C ILE A 22 -8.92 -31.87 -2.40
N ILE A 23 -9.41 -32.49 -3.47
CA ILE A 23 -9.44 -33.94 -3.56
C ILE A 23 -8.14 -34.41 -4.20
N VAL A 24 -7.48 -35.35 -3.55
CA VAL A 24 -6.18 -35.79 -4.02
C VAL A 24 -6.15 -37.28 -4.07
N ASN A 25 -5.10 -37.81 -4.68
CA ASN A 25 -4.90 -39.25 -4.67
C ASN A 25 -3.43 -39.56 -4.56
N ASP A 26 -3.07 -40.81 -4.79
CA ASP A 26 -1.69 -41.23 -4.52
C ASP A 26 -0.61 -40.76 -5.49
N LYS A 27 -0.94 -40.18 -6.65
CA LYS A 27 0.15 -39.73 -7.50
C LYS A 27 0.69 -38.36 -7.01
N LEU A 28 0.01 -37.77 -6.02
CA LEU A 28 0.39 -36.42 -5.58
C LEU A 28 1.79 -36.38 -4.97
N GLU A 29 2.63 -35.47 -5.50
CA GLU A 29 3.97 -35.21 -4.95
C GLU A 29 4.14 -33.71 -4.91
N ARG A 30 4.98 -33.21 -4.01
CA ARG A 30 5.23 -31.78 -4.00
C ARG A 30 5.86 -31.37 -5.33
N TYR A 31 5.58 -30.14 -5.73
CA TYR A 31 5.87 -29.61 -7.06
C TYR A 31 7.09 -28.71 -7.06
N ALA A 32 8.05 -28.96 -7.95
CA ALA A 32 9.24 -28.12 -8.04
C ALA A 32 8.91 -26.82 -8.78
N GLU A 33 9.18 -25.68 -8.14
CA GLU A 33 8.77 -24.37 -8.65
C GLU A 33 9.30 -24.08 -10.05
N VAL A 34 10.48 -24.62 -10.36
CA VAL A 34 11.06 -24.40 -11.69
C VAL A 34 10.15 -24.90 -12.82
N ARG A 35 9.19 -25.76 -12.48
CA ARG A 35 8.26 -26.29 -13.47
C ARG A 35 7.23 -25.27 -13.98
N THR A 36 7.07 -24.14 -13.29
CA THR A 36 6.07 -23.16 -13.75
C THR A 36 6.45 -22.65 -15.12
N ALA A 37 5.47 -22.17 -15.89
CA ALA A 37 5.74 -21.76 -17.26
C ALA A 37 6.73 -20.60 -17.30
N PHE A 38 6.72 -19.75 -16.28
CA PHE A 38 7.65 -18.62 -16.24
C PHE A 38 9.12 -19.01 -16.22
N THR A 39 9.41 -20.19 -15.68
CA THR A 39 10.79 -20.54 -15.34
C THR A 39 11.28 -21.77 -16.07
N HIS A 40 10.37 -22.65 -16.49
CA HIS A 40 10.82 -23.89 -17.11
C HIS A 40 11.45 -23.63 -18.47
N PRO A 41 12.54 -24.34 -18.78
CA PRO A 41 13.23 -24.13 -20.06
C PRO A 41 12.34 -24.34 -21.30
N THR A 42 11.34 -25.20 -21.20
CA THR A 42 10.47 -25.47 -22.36
C THR A 42 9.55 -24.30 -22.69
N SER A 43 9.24 -23.49 -21.68
CA SER A 43 8.22 -22.45 -21.84
C SER A 43 8.80 -21.04 -21.72
N PHE A 44 9.98 -20.93 -21.11
CA PHE A 44 10.59 -19.65 -20.76
C PHE A 44 10.89 -18.82 -22.00
N PHE A 45 11.24 -19.49 -23.09
CA PHE A 45 11.60 -18.83 -24.35
C PHE A 45 10.41 -18.70 -25.27
N LYS A 46 10.19 -17.49 -25.78
CA LYS A 46 9.11 -17.21 -26.72
C LYS A 46 9.62 -16.28 -27.82
N PRO A 47 9.11 -16.46 -29.05
CA PRO A 47 9.49 -15.56 -30.13
C PRO A 47 8.90 -14.17 -29.94
N ASN A 48 9.59 -13.14 -30.40
CA ASN A 48 8.96 -11.81 -30.45
C ASN A 48 8.29 -11.65 -31.81
N TYR A 49 7.82 -10.44 -32.11
CA TYR A 49 7.04 -10.25 -33.32
C TYR A 49 7.90 -10.31 -34.60
N LYS A 50 9.22 -10.32 -34.44
CA LYS A 50 10.12 -10.49 -35.57
C LYS A 50 10.59 -11.95 -35.68
N GLY A 51 10.10 -12.80 -34.79
CA GLY A 51 10.49 -14.20 -34.77
C GLY A 51 11.77 -14.51 -34.02
N GLU A 52 12.33 -13.52 -33.33
CA GLU A 52 13.52 -13.73 -32.50
C GLU A 52 13.16 -14.45 -31.19
N VAL A 53 13.87 -15.53 -30.87
CA VAL A 53 13.57 -16.28 -29.66
C VAL A 53 14.29 -15.70 -28.45
N LYS A 54 13.51 -15.32 -27.43
CA LYS A 54 14.04 -14.59 -26.27
C LYS A 54 13.34 -15.06 -25.00
N PRO A 55 13.92 -14.73 -23.83
CA PRO A 55 13.13 -14.81 -22.60
C PRO A 55 11.76 -14.16 -22.82
N TRP A 56 10.71 -14.81 -22.34
CA TRP A 56 9.36 -14.36 -22.66
C TRP A 56 9.15 -12.87 -22.37
N PHE A 57 9.67 -12.36 -21.26
CA PHE A 57 9.36 -11.00 -20.88
C PHE A 57 10.09 -9.99 -21.78
N LEU A 58 11.23 -10.41 -22.32
CA LEU A 58 11.94 -9.55 -23.27
C LEU A 58 11.18 -9.46 -24.60
N SER A 59 10.64 -10.58 -25.08
CA SER A 59 9.79 -10.54 -26.26
C SER A 59 8.54 -9.69 -26.03
N ALA A 60 8.01 -9.76 -24.81
CA ALA A 60 6.84 -8.94 -24.47
C ALA A 60 7.24 -7.45 -24.47
N TYR A 61 8.42 -7.14 -23.94
CA TYR A 61 8.92 -5.77 -23.99
C TYR A 61 8.94 -5.23 -25.42
N ASP A 62 9.42 -6.05 -26.35
CA ASP A 62 9.52 -5.65 -27.75
C ASP A 62 8.14 -5.25 -28.26
N GLU A 63 7.12 -5.99 -27.80
CA GLU A 63 5.77 -5.72 -28.24
C GLU A 63 5.20 -4.45 -27.58
N LYS A 64 5.52 -4.22 -26.31
CA LYS A 64 5.11 -2.97 -25.65
C LYS A 64 5.68 -1.76 -26.40
N VAL A 65 6.96 -1.83 -26.73
CA VAL A 65 7.65 -0.76 -27.44
C VAL A 65 6.99 -0.52 -28.81
N ARG A 66 6.73 -1.60 -29.54
CA ARG A 66 6.08 -1.52 -30.84
C ARG A 66 4.71 -0.87 -30.71
N GLN A 67 3.95 -1.24 -29.67
CA GLN A 67 2.62 -0.66 -29.48
C GLN A 67 2.66 0.84 -29.20
N ILE A 68 3.58 1.26 -28.33
CA ILE A 68 3.69 2.68 -28.03
C ILE A 68 4.00 3.47 -29.30
N GLU A 69 4.98 2.99 -30.06
CA GLU A 69 5.38 3.65 -31.31
C GLU A 69 4.20 3.76 -32.27
N ASN A 70 3.34 2.76 -32.24
CA ASN A 70 2.20 2.69 -33.13
C ASN A 70 0.89 3.20 -32.52
N GLY A 71 0.99 3.81 -31.34
CA GLY A 71 -0.17 4.40 -30.70
C GLY A 71 -1.23 3.38 -30.34
N GLU A 72 -0.79 2.25 -29.79
CA GLU A 72 -1.71 1.19 -29.40
C GLU A 72 -1.67 0.91 -27.90
N ASN A 73 -2.80 0.50 -27.35
CA ASN A 73 -2.89 0.11 -25.93
C ASN A 73 -2.85 -1.39 -25.75
N GLY A 74 -2.85 -2.12 -26.86
CA GLY A 74 -2.81 -3.57 -26.82
C GLY A 74 -2.78 -4.10 -28.24
N PRO A 75 -2.86 -5.42 -28.40
CA PRO A 75 -2.76 -5.99 -29.75
C PRO A 75 -3.96 -5.59 -30.62
N LYS A 76 -3.69 -4.90 -31.73
CA LYS A 76 -4.74 -4.41 -32.62
C LYS A 76 -5.76 -3.52 -31.91
N MET A 77 -5.33 -2.87 -30.83
CA MET A 77 -6.19 -1.94 -30.13
C MET A 77 -5.57 -0.55 -30.16
N LYS A 78 -6.09 0.29 -31.05
CA LYS A 78 -5.58 1.65 -31.19
C LYS A 78 -5.87 2.46 -29.95
N ALA A 79 -4.87 3.22 -29.49
CA ALA A 79 -5.05 4.17 -28.39
C ALA A 79 -5.60 5.49 -28.93
N LYS A 80 -5.99 6.40 -28.03
CA LYS A 80 -6.39 7.74 -28.46
C LYS A 80 -5.27 8.41 -29.24
N ASN A 81 -4.04 8.19 -28.77
CA ASN A 81 -2.83 8.73 -29.39
C ASN A 81 -1.61 8.07 -28.74
N VAL A 82 -0.42 8.41 -29.21
CA VAL A 82 0.79 7.80 -28.66
C VAL A 82 0.97 8.15 -27.18
N GLY A 83 0.59 9.37 -26.81
CA GLY A 83 0.71 9.78 -25.41
C GLY A 83 -0.10 8.89 -24.49
N GLU A 84 -1.31 8.52 -24.91
CA GLU A 84 -2.12 7.62 -24.11
C GLU A 84 -1.47 6.23 -24.04
N ALA A 85 -0.96 5.76 -25.18
CA ALA A 85 -0.29 4.47 -25.20
C ALA A 85 0.87 4.45 -24.21
N ARG A 86 1.68 5.51 -24.25
N ARG A 86 1.67 5.52 -24.21
CA ARG A 86 2.82 5.70 -23.35
CA ARG A 86 2.84 5.57 -23.32
C ARG A 86 2.40 5.66 -21.89
C ARG A 86 2.45 5.72 -21.85
N ALA A 87 1.33 6.39 -21.58
CA ALA A 87 0.86 6.53 -20.20
C ALA A 87 0.47 5.19 -19.59
N GLY A 88 -0.16 4.34 -20.39
CA GLY A 88 -0.60 3.04 -19.88
C GLY A 88 0.59 2.19 -19.50
N ARG A 89 1.63 2.20 -20.35
CA ARG A 89 2.82 1.41 -20.03
C ARG A 89 3.64 2.04 -18.90
N ALA A 90 3.62 3.37 -18.78
CA ALA A 90 4.29 4.01 -17.65
C ALA A 90 3.63 3.63 -16.33
N LEU A 91 2.30 3.57 -16.33
CA LEU A 91 1.56 3.18 -15.13
C LEU A 91 1.84 1.72 -14.80
N GLU A 92 1.79 0.85 -15.80
CA GLU A 92 2.14 -0.57 -15.61
C GLU A 92 3.54 -0.75 -15.01
N ALA A 93 4.54 -0.12 -15.62
CA ALA A 93 5.91 -0.27 -15.16
C ALA A 93 6.08 0.22 -13.72
N ALA A 94 5.48 1.38 -13.42
CA ALA A 94 5.58 1.94 -12.07
C ALA A 94 4.93 1.03 -11.03
N GLY A 95 3.86 0.34 -11.43
CA GLY A 95 3.14 -0.49 -10.49
C GLY A 95 4.02 -1.53 -9.80
N TRP A 96 5.01 -2.03 -10.57
CA TRP A 96 5.94 -3.08 -10.11
C TRP A 96 7.06 -2.62 -9.17
N THR A 97 7.00 -1.37 -8.70
CA THR A 97 8.14 -0.78 -7.98
C THR A 97 8.65 -1.63 -6.79
N LEU A 98 7.73 -2.23 -6.03
CA LEU A 98 8.13 -3.01 -4.85
C LEU A 98 8.08 -4.51 -5.11
N ASP A 99 8.43 -4.92 -6.32
CA ASP A 99 8.38 -6.33 -6.69
C ASP A 99 9.64 -6.69 -7.46
N ILE A 100 10.23 -7.83 -7.13
CA ILE A 100 11.47 -8.27 -7.79
C ILE A 100 11.18 -9.31 -8.87
N ASN A 101 11.60 -9.02 -10.10
CA ASN A 101 11.56 -9.96 -11.22
C ASN A 101 10.23 -10.68 -11.40
N TYR A 102 9.16 -9.89 -11.32
CA TYR A 102 7.78 -10.34 -11.61
C TYR A 102 7.35 -11.46 -10.67
N GLY A 103 7.27 -11.14 -9.39
CA GLY A 103 6.61 -12.00 -8.43
C GLY A 103 7.21 -12.16 -7.05
N ASN A 104 8.42 -11.63 -6.82
CA ASN A 104 9.10 -11.80 -5.54
C ASN A 104 9.28 -13.27 -5.15
N ILE A 105 9.60 -14.14 -6.11
CA ILE A 105 9.55 -15.57 -5.77
C ILE A 105 10.78 -16.08 -5.01
N TYR A 106 11.94 -15.42 -5.12
CA TYR A 106 13.13 -15.95 -4.44
C TYR A 106 12.96 -15.84 -2.93
N PRO A 107 12.95 -16.99 -2.22
CA PRO A 107 12.77 -16.87 -0.78
C PRO A 107 14.00 -16.34 -0.06
N ASN A 108 13.78 -15.51 0.97
CA ASN A 108 14.86 -15.00 1.79
C ASN A 108 15.85 -14.17 0.98
N ARG A 109 15.33 -13.50 -0.04
CA ARG A 109 16.09 -12.52 -0.82
C ARG A 109 15.30 -11.22 -0.88
N PHE A 110 16.02 -10.10 -0.93
CA PHE A 110 15.42 -8.79 -1.20
C PHE A 110 14.31 -8.45 -0.20
N PHE A 111 13.05 -8.42 -0.64
CA PHE A 111 11.94 -8.11 0.28
C PHE A 111 11.45 -9.29 1.09
N MET A 112 11.77 -10.50 0.62
CA MET A 112 11.18 -11.72 1.17
C MET A 112 12.04 -12.34 2.27
N LEU A 113 12.60 -11.53 3.15
CA LEU A 113 13.49 -12.05 4.19
C LEU A 113 12.75 -12.94 5.19
N TRP A 114 13.36 -14.07 5.55
CA TRP A 114 12.72 -15.03 6.44
C TRP A 114 12.94 -14.68 7.91
N SER A 115 13.87 -13.75 8.14
CA SER A 115 14.08 -13.17 9.46
C SER A 115 14.01 -11.66 9.35
N GLY A 116 13.50 -11.01 10.40
CA GLY A 116 13.49 -9.55 10.41
C GLY A 116 14.78 -8.87 10.88
N GLU A 117 15.75 -9.64 11.36
CA GLU A 117 16.88 -9.04 12.08
C GLU A 117 17.69 -7.99 11.31
N THR A 118 17.83 -8.13 9.98
CA THR A 118 18.64 -7.16 9.25
C THR A 118 17.82 -5.98 8.71
N MET A 119 16.51 -6.02 8.87
CA MET A 119 15.67 -4.97 8.33
C MET A 119 15.91 -3.65 9.06
N THR A 120 15.86 -2.55 8.32
CA THR A 120 16.08 -1.24 8.92
C THR A 120 15.05 -0.94 10.03
N ASN A 121 13.81 -1.35 9.83
CA ASN A 121 12.78 -1.15 10.84
C ASN A 121 13.09 -1.92 12.11
N THR A 122 13.50 -3.17 11.96
CA THR A 122 13.85 -4.00 13.12
C THR A 122 15.04 -3.40 13.89
N GLN A 123 16.05 -2.95 13.16
CA GLN A 123 17.18 -2.30 13.80
C GLN A 123 16.78 -1.05 14.57
N LEU A 124 15.92 -0.23 13.98
CA LEU A 124 15.48 1.01 14.63
C LEU A 124 14.77 0.71 15.95
N TRP A 125 13.99 -0.36 15.95
CA TRP A 125 13.14 -0.73 17.09
C TRP A 125 13.81 -1.68 18.07
N ALA A 126 15.05 -2.06 17.76
CA ALA A 126 15.76 -3.04 18.57
C ALA A 126 15.76 -2.77 20.08
N PRO A 127 15.88 -1.49 20.51
CA PRO A 127 15.90 -1.30 21.97
C PRO A 127 14.63 -1.69 22.72
N VAL A 128 13.50 -1.74 22.04
CA VAL A 128 12.24 -2.15 22.67
C VAL A 128 12.21 -3.67 22.86
N GLY A 129 12.91 -4.37 21.98
CA GLY A 129 13.07 -5.81 22.11
C GLY A 129 11.83 -6.63 21.80
N LEU A 130 10.93 -6.10 20.97
CA LEU A 130 9.68 -6.80 20.72
C LEU A 130 9.91 -8.14 20.02
N ASP A 131 10.95 -8.20 19.19
CA ASP A 131 11.23 -9.43 18.46
C ASP A 131 11.99 -10.46 19.32
N ARG A 132 12.48 -10.03 20.49
CA ARG A 132 13.19 -10.92 21.40
C ARG A 132 12.35 -11.37 22.62
N ARG A 133 11.30 -10.62 22.92
CA ARG A 133 10.45 -10.87 24.08
C ARG A 133 9.53 -12.06 23.80
N PRO A 134 9.47 -13.03 24.72
CA PRO A 134 8.53 -14.15 24.48
C PRO A 134 7.10 -13.65 24.33
N PRO A 135 6.27 -14.37 23.57
CA PRO A 135 4.88 -13.97 23.34
C PRO A 135 4.14 -13.70 24.66
N ASP A 136 3.36 -12.62 24.69
CA ASP A 136 2.49 -12.35 25.84
C ASP A 136 1.10 -12.93 25.60
N THR A 137 0.84 -13.35 24.37
CA THR A 137 -0.42 -13.99 24.02
C THR A 137 -0.16 -15.31 23.32
N THR A 138 -0.74 -16.39 23.82
CA THR A 138 -0.64 -17.70 23.17
C THR A 138 -2.02 -18.24 22.79
N ASP A 139 -3.06 -17.56 23.26
CA ASP A 139 -4.44 -17.94 22.95
C ASP A 139 -4.72 -17.77 21.46
N PRO A 140 -4.99 -18.87 20.74
CA PRO A 140 -5.18 -18.72 19.28
C PRO A 140 -6.39 -17.85 18.91
N VAL A 141 -7.38 -17.78 19.78
CA VAL A 141 -8.56 -16.95 19.51
C VAL A 141 -8.17 -15.47 19.47
N GLU A 142 -7.49 -14.99 20.51
CA GLU A 142 -7.08 -13.60 20.53
C GLU A 142 -6.04 -13.31 19.45
N LEU A 143 -5.14 -14.26 19.19
CA LEU A 143 -4.11 -14.05 18.18
C LEU A 143 -4.73 -13.92 16.79
N THR A 144 -5.79 -14.68 16.53
CA THR A 144 -6.44 -14.63 15.23
C THR A 144 -7.09 -13.26 15.03
N ASN A 145 -7.73 -12.75 16.07
CA ASN A 145 -8.31 -11.41 15.97
C ASN A 145 -7.23 -10.34 15.76
N TYR A 146 -6.17 -10.39 16.55
CA TYR A 146 -5.06 -9.44 16.41
C TYR A 146 -4.45 -9.49 15.02
N VAL A 147 -4.15 -10.70 14.53
CA VAL A 147 -3.38 -10.78 13.30
C VAL A 147 -4.26 -10.42 12.10
N LYS A 148 -5.57 -10.70 12.17
CA LYS A 148 -6.42 -10.30 11.07
C LYS A 148 -6.65 -8.79 11.05
N PHE A 149 -6.73 -8.16 12.23
CA PHE A 149 -6.84 -6.71 12.28
C PHE A 149 -5.59 -6.10 11.64
N ALA A 150 -4.42 -6.63 12.01
CA ALA A 150 -3.15 -6.17 11.43
C ALA A 150 -3.14 -6.39 9.92
N ALA A 151 -3.68 -7.51 9.47
CA ALA A 151 -3.72 -7.82 8.04
C ALA A 151 -4.52 -6.78 7.26
N ARG A 152 -5.65 -6.32 7.83
CA ARG A 152 -6.45 -5.33 7.15
C ARG A 152 -5.71 -3.99 7.12
N MET A 153 -5.06 -3.62 8.22
CA MET A 153 -4.19 -2.44 8.21
C MET A 153 -3.13 -2.53 7.11
N ALA A 154 -2.64 -3.76 6.89
CA ALA A 154 -1.54 -3.99 5.95
C ALA A 154 -2.00 -4.13 4.49
N GLY A 155 -3.27 -3.88 4.22
CA GLY A 155 -3.73 -3.77 2.84
C GLY A 155 -4.48 -4.98 2.27
N ALA A 156 -4.73 -5.98 3.11
CA ALA A 156 -5.55 -7.10 2.67
C ALA A 156 -7.01 -6.69 2.58
N ASP A 157 -7.65 -7.08 1.48
CA ASP A 157 -9.09 -6.91 1.34
C ASP A 157 -9.82 -8.14 1.89
N LEU A 158 -9.18 -9.30 1.79
CA LEU A 158 -9.67 -10.55 2.36
C LEU A 158 -8.55 -11.16 3.18
N VAL A 159 -8.88 -11.81 4.29
CA VAL A 159 -7.83 -12.57 4.99
C VAL A 159 -8.42 -13.84 5.56
N GLY A 160 -7.66 -14.92 5.50
CA GLY A 160 -8.10 -16.20 6.03
C GLY A 160 -6.93 -16.97 6.59
N VAL A 161 -7.22 -17.95 7.44
CA VAL A 161 -6.21 -18.79 8.07
C VAL A 161 -6.46 -20.27 7.76
N ALA A 162 -5.40 -21.00 7.45
CA ALA A 162 -5.51 -22.46 7.34
C ALA A 162 -4.33 -23.14 8.03
N ARG A 163 -4.50 -24.39 8.43
CA ARG A 163 -3.33 -25.19 8.76
C ARG A 163 -2.50 -25.31 7.48
N LEU A 164 -1.18 -25.31 7.63
CA LEU A 164 -0.29 -25.45 6.48
C LEU A 164 -0.32 -26.87 5.92
N ASN A 165 -0.77 -27.00 4.67
CA ASN A 165 -0.73 -28.26 3.95
C ASN A 165 0.54 -28.29 3.10
N ARG A 166 1.48 -29.14 3.49
CA ARG A 166 2.78 -29.13 2.84
C ARG A 166 2.73 -29.61 1.39
N ASN A 167 1.61 -30.24 0.99
CA ASN A 167 1.46 -30.67 -0.39
C ASN A 167 1.57 -29.51 -1.38
N TRP A 168 1.27 -28.30 -0.93
CA TRP A 168 1.26 -27.14 -1.82
C TRP A 168 2.51 -26.30 -1.69
N VAL A 169 3.40 -26.68 -0.78
CA VAL A 169 4.70 -26.02 -0.66
C VAL A 169 5.62 -26.61 -1.72
N TYR A 170 6.29 -25.74 -2.47
CA TYR A 170 7.18 -26.21 -3.53
C TYR A 170 8.24 -27.14 -2.97
N SER A 171 8.55 -28.21 -3.70
CA SER A 171 9.57 -29.15 -3.26
C SER A 171 10.96 -28.49 -3.29
N GLU A 172 11.18 -27.69 -4.33
CA GLU A 172 12.39 -26.90 -4.49
C GLU A 172 11.96 -25.53 -4.97
N ALA A 173 12.53 -24.48 -4.37
CA ALA A 173 12.25 -23.11 -4.77
C ALA A 173 13.16 -22.65 -5.89
N VAL A 174 12.71 -21.70 -6.70
CA VAL A 174 13.60 -20.96 -7.57
C VAL A 174 14.19 -19.79 -6.77
N THR A 175 15.49 -19.65 -6.80
CA THR A 175 16.12 -18.58 -6.05
C THR A 175 17.44 -18.20 -6.72
N ILE A 176 18.23 -17.36 -6.05
CA ILE A 176 19.59 -17.05 -6.50
C ILE A 176 20.56 -17.24 -5.32
N PRO A 177 21.84 -17.48 -5.61
CA PRO A 177 22.80 -17.55 -4.51
C PRO A 177 22.84 -16.24 -3.74
N ALA A 178 23.16 -16.29 -2.46
CA ALA A 178 23.15 -15.12 -1.60
C ALA A 178 24.16 -14.05 -2.01
N ASP A 179 25.23 -14.44 -2.70
CA ASP A 179 26.26 -13.49 -3.08
C ASP A 179 26.05 -12.90 -4.49
N VAL A 180 24.90 -13.14 -5.09
CA VAL A 180 24.64 -12.66 -6.44
C VAL A 180 23.86 -11.34 -6.40
N PRO A 181 24.42 -10.28 -7.01
CA PRO A 181 23.80 -8.95 -7.01
C PRO A 181 22.56 -8.94 -7.89
N TYR A 182 21.64 -7.99 -7.65
CA TYR A 182 20.40 -7.94 -8.40
C TYR A 182 20.61 -7.95 -9.93
N GLU A 183 21.59 -7.20 -10.43
CA GLU A 183 21.72 -7.05 -11.87
C GLU A 183 22.06 -8.36 -12.59
N GLN A 184 22.56 -9.36 -11.86
CA GLN A 184 22.85 -10.66 -12.46
C GLN A 184 21.78 -11.71 -12.11
N SER A 185 20.79 -11.33 -11.31
CA SER A 185 19.86 -12.30 -10.76
C SER A 185 19.17 -13.18 -11.81
N LEU A 186 18.71 -12.57 -12.90
CA LEU A 186 17.94 -13.31 -13.89
C LEU A 186 18.82 -14.31 -14.64
N HIS A 187 20.13 -14.12 -14.57
CA HIS A 187 21.13 -15.00 -15.19
C HIS A 187 21.55 -16.15 -14.30
N LYS A 188 21.31 -16.02 -13.01
CA LYS A 188 21.96 -16.89 -12.03
C LYS A 188 20.96 -17.64 -11.16
N GLU A 189 19.73 -17.79 -11.63
CA GLU A 189 18.73 -18.51 -10.86
C GLU A 189 19.11 -19.98 -10.69
N ILE A 190 18.78 -20.53 -9.52
CA ILE A 190 19.06 -21.91 -9.17
C ILE A 190 17.83 -22.51 -8.50
N GLU A 191 17.87 -23.81 -8.25
CA GLU A 191 16.86 -24.46 -7.43
C GLU A 191 17.43 -24.73 -6.05
N LYS A 192 16.58 -24.64 -5.03
CA LYS A 192 17.00 -24.99 -3.68
C LYS A 192 15.85 -25.70 -2.95
N PRO A 193 16.11 -26.87 -2.38
CA PRO A 193 15.05 -27.59 -1.68
C PRO A 193 14.46 -26.81 -0.50
N ILE A 194 13.15 -26.93 -0.33
CA ILE A 194 12.48 -26.44 0.85
C ILE A 194 12.19 -27.66 1.72
N VAL A 195 12.75 -27.67 2.93
CA VAL A 195 12.62 -28.85 3.78
C VAL A 195 12.07 -28.45 5.14
N PHE A 196 11.49 -29.43 5.83
CA PHE A 196 10.92 -29.21 7.15
C PHE A 196 11.74 -29.97 8.17
N LYS A 197 12.26 -29.27 9.17
CA LYS A 197 13.13 -29.88 10.15
C LYS A 197 12.82 -29.41 11.56
N ASP A 198 13.31 -30.17 12.54
CA ASP A 198 13.15 -29.79 13.94
C ASP A 198 14.18 -28.72 14.32
N VAL A 199 13.89 -27.48 13.95
CA VAL A 199 14.76 -26.34 14.26
C VAL A 199 13.89 -25.22 14.86
N PRO A 200 14.48 -24.30 15.63
CA PRO A 200 13.61 -23.30 16.28
C PRO A 200 13.08 -22.23 15.33
N LEU A 201 13.85 -21.85 14.32
CA LEU A 201 13.50 -20.71 13.48
C LEU A 201 13.72 -21.01 12.00
N PRO A 202 12.97 -20.35 11.11
CA PRO A 202 13.24 -20.50 9.68
C PRO A 202 14.68 -20.12 9.38
N ILE A 203 15.38 -20.94 8.61
CA ILE A 203 16.81 -20.71 8.39
C ILE A 203 17.21 -21.18 7.01
N GLU A 204 18.16 -20.50 6.39
CA GLU A 204 18.66 -20.95 5.10
C GLU A 204 20.12 -21.36 5.23
N THR A 205 20.46 -22.53 4.72
CA THR A 205 21.86 -22.95 4.64
C THR A 205 22.31 -22.87 3.20
N ASP A 206 23.56 -23.25 2.94
CA ASP A 206 24.05 -23.30 1.58
C ASP A 206 23.24 -24.26 0.73
N ASP A 207 22.69 -25.30 1.36
CA ASP A 207 22.05 -26.40 0.64
C ASP A 207 20.54 -26.38 0.69
N GLU A 208 19.95 -25.82 1.74
CA GLU A 208 18.51 -25.92 1.96
C GLU A 208 17.87 -24.65 2.53
N LEU A 209 16.60 -24.45 2.15
CA LEU A 209 15.70 -23.55 2.84
C LEU A 209 14.94 -24.37 3.86
N ILE A 210 15.10 -24.03 5.14
CA ILE A 210 14.57 -24.88 6.20
C ILE A 210 13.43 -24.21 6.94
N ILE A 211 12.24 -24.78 6.81
CA ILE A 211 11.06 -24.32 7.54
C ILE A 211 10.93 -25.20 8.79
N PRO A 212 10.70 -24.60 9.97
CA PRO A 212 10.57 -25.45 11.15
C PRO A 212 9.32 -26.33 11.11
N ASN A 213 9.40 -27.49 11.75
CA ASN A 213 8.24 -28.36 11.90
C ASN A 213 7.12 -27.69 12.71
N THR A 214 7.48 -26.71 13.53
CA THR A 214 6.50 -25.93 14.28
C THR A 214 5.71 -24.94 13.43
N CYS A 215 6.00 -24.85 12.13
CA CYS A 215 5.33 -23.89 11.28
C CYS A 215 3.94 -24.40 10.90
N GLU A 216 2.98 -24.15 11.78
CA GLU A 216 1.69 -24.82 11.74
C GLU A 216 0.69 -24.21 10.74
N ASN A 217 0.78 -22.89 10.56
CA ASN A 217 -0.30 -22.15 9.91
C ASN A 217 0.13 -21.31 8.72
N VAL A 218 -0.84 -21.04 7.85
CA VAL A 218 -0.63 -20.11 6.76
C VAL A 218 -1.76 -19.07 6.81
N ILE A 219 -1.38 -17.81 6.66
CA ILE A 219 -2.31 -16.71 6.62
C ILE A 219 -2.38 -16.27 5.16
N VAL A 220 -3.58 -16.25 4.58
CA VAL A 220 -3.71 -15.93 3.17
C VAL A 220 -4.44 -14.60 3.01
N ALA A 221 -3.89 -13.72 2.18
CA ALA A 221 -4.52 -12.43 1.92
C ALA A 221 -5.01 -12.34 0.50
N GLY A 222 -6.17 -11.72 0.34
CA GLY A 222 -6.65 -11.31 -0.96
C GLY A 222 -6.47 -9.81 -1.14
N ILE A 223 -5.90 -9.42 -2.27
N ILE A 223 -5.88 -9.45 -2.28
CA ILE A 223 -5.63 -8.02 -2.56
CA ILE A 223 -5.55 -8.07 -2.64
C ILE A 223 -6.35 -7.65 -3.85
C ILE A 223 -6.37 -7.69 -3.88
N ALA A 224 -7.45 -6.92 -3.70
CA ALA A 224 -8.41 -6.70 -4.80
C ALA A 224 -7.83 -5.87 -5.93
N MET A 225 -8.01 -6.34 -7.16
CA MET A 225 -7.65 -5.55 -8.34
C MET A 225 -8.82 -4.64 -8.72
N ASN A 226 -8.59 -3.76 -9.68
CA ASN A 226 -9.59 -2.80 -10.08
C ASN A 226 -10.42 -3.35 -11.24
N ARG A 227 -11.74 -3.32 -11.10
CA ARG A 227 -12.65 -3.90 -12.09
C ARG A 227 -12.56 -3.22 -13.45
N GLU A 228 -12.62 -1.88 -13.46
CA GLU A 228 -12.62 -1.14 -14.72
C GLU A 228 -11.33 -1.38 -15.50
N MET A 229 -10.22 -1.45 -14.79
CA MET A 229 -8.94 -1.68 -15.45
C MET A 229 -8.78 -3.12 -15.95
N MET A 230 -9.18 -4.08 -15.14
CA MET A 230 -9.07 -5.48 -15.56
C MET A 230 -9.96 -5.75 -16.76
N GLN A 231 -11.09 -5.05 -16.87
CA GLN A 231 -11.99 -5.29 -17.98
C GLN A 231 -11.40 -4.81 -19.31
N THR A 232 -10.26 -4.13 -19.25
CA THR A 232 -9.54 -3.78 -20.49
C THR A 232 -8.61 -4.89 -20.98
N ALA A 233 -8.57 -6.01 -20.26
CA ALA A 233 -7.73 -7.14 -20.68
C ALA A 233 -8.04 -7.49 -22.14
N PRO A 234 -6.98 -7.80 -22.92
CA PRO A 234 -5.58 -8.00 -22.55
C PRO A 234 -4.72 -6.74 -22.68
N ASN A 235 -5.34 -5.56 -22.63
CA ASN A 235 -4.63 -4.33 -22.91
C ASN A 235 -3.94 -3.73 -21.69
N SER A 236 -3.30 -2.58 -21.86
CA SER A 236 -2.31 -2.14 -20.87
C SER A 236 -2.87 -1.83 -19.48
N MET A 237 -4.10 -1.34 -19.39
CA MET A 237 -4.58 -0.95 -18.06
C MET A 237 -4.85 -2.18 -17.17
N ALA A 238 -5.14 -3.33 -17.77
CA ALA A 238 -5.23 -4.58 -17.02
C ALA A 238 -3.86 -4.95 -16.45
N CYS A 239 -2.82 -4.68 -17.24
CA CYS A 239 -1.46 -4.92 -16.77
C CYS A 239 -1.13 -4.01 -15.58
N ALA A 240 -1.67 -2.80 -15.60
CA ALA A 240 -1.37 -1.85 -14.54
C ALA A 240 -2.03 -2.22 -13.21
N THR A 241 -3.29 -2.67 -13.21
CA THR A 241 -3.88 -3.04 -11.92
C THR A 241 -3.19 -4.32 -11.39
N THR A 242 -2.80 -5.23 -12.29
CA THR A 242 -1.97 -6.39 -11.92
C THR A 242 -0.70 -5.95 -11.19
N ALA A 243 0.05 -5.06 -11.83
CA ALA A 243 1.34 -4.61 -11.31
C ALA A 243 1.24 -3.92 -9.94
N PHE A 244 0.33 -2.96 -9.81
CA PHE A 244 0.16 -2.26 -8.54
C PHE A 244 -0.16 -3.23 -7.41
N CYS A 245 -0.95 -4.25 -7.71
CA CYS A 245 -1.32 -5.19 -6.66
C CYS A 245 -0.15 -6.07 -6.25
N TYR A 246 0.81 -6.32 -7.14
CA TYR A 246 2.01 -7.04 -6.71
C TYR A 246 2.81 -6.23 -5.69
N SER A 247 2.87 -4.92 -5.86
CA SER A 247 3.58 -4.12 -4.86
C SER A 247 2.78 -4.06 -3.56
N ARG A 248 1.45 -4.03 -3.68
CA ARG A 248 0.63 -4.14 -2.47
C ARG A 248 0.87 -5.46 -1.75
N MET A 249 1.02 -6.56 -2.49
CA MET A 249 1.30 -7.85 -1.87
C MET A 249 2.59 -7.80 -1.06
N CYS A 250 3.59 -7.18 -1.64
CA CYS A 250 4.89 -7.14 -1.01
C CYS A 250 4.82 -6.38 0.31
N MET A 251 4.14 -5.23 0.30
N MET A 251 4.15 -5.22 0.27
CA MET A 251 4.04 -4.44 1.52
CA MET A 251 3.95 -4.42 1.47
C MET A 251 3.20 -5.17 2.55
C MET A 251 3.23 -5.21 2.53
N PHE A 252 2.18 -5.90 2.10
CA PHE A 252 1.40 -6.73 3.02
C PHE A 252 2.29 -7.74 3.73
N ASP A 253 3.06 -8.52 2.97
CA ASP A 253 3.90 -9.54 3.56
C ASP A 253 4.86 -8.95 4.59
N MET A 254 5.51 -7.84 4.25
CA MET A 254 6.53 -7.28 5.14
C MET A 254 5.89 -6.70 6.40
N TRP A 255 4.83 -5.94 6.22
CA TRP A 255 4.07 -5.44 7.36
C TRP A 255 3.62 -6.57 8.30
N LEU A 256 2.98 -7.59 7.74
CA LEU A 256 2.41 -8.64 8.58
C LEU A 256 3.49 -9.46 9.24
N CYS A 257 4.57 -9.77 8.51
CA CYS A 257 5.65 -10.53 9.10
C CYS A 257 6.25 -9.79 10.27
N GLN A 258 6.41 -8.48 10.12
CA GLN A 258 6.98 -7.67 11.20
C GLN A 258 6.04 -7.65 12.41
N PHE A 259 4.73 -7.52 12.18
CA PHE A 259 3.78 -7.62 13.30
C PHE A 259 3.91 -8.96 14.03
N ILE A 260 3.94 -10.05 13.28
CA ILE A 260 4.00 -11.37 13.89
C ILE A 260 5.30 -11.54 14.67
N ARG A 261 6.40 -11.05 14.11
CA ARG A 261 7.69 -11.13 14.78
C ARG A 261 7.69 -10.32 16.07
N TYR A 262 7.08 -9.14 16.02
CA TYR A 262 7.03 -8.26 17.18
C TYR A 262 6.04 -8.77 18.23
N MET A 263 5.22 -9.75 17.84
CA MET A 263 4.35 -10.46 18.78
C MET A 263 5.05 -11.67 19.43
N GLY A 264 6.26 -11.97 18.99
CA GLY A 264 7.07 -13.01 19.60
C GLY A 264 7.07 -14.34 18.86
N TYR A 265 6.63 -14.31 17.61
CA TYR A 265 6.58 -15.50 16.78
C TYR A 265 7.46 -15.30 15.55
N TYR A 266 7.62 -16.31 14.71
CA TYR A 266 8.36 -16.10 13.47
C TYR A 266 7.37 -16.07 12.31
N ALA A 267 7.84 -15.59 11.16
CA ALA A 267 6.95 -15.40 10.03
C ALA A 267 7.76 -15.43 8.74
N ILE A 268 7.23 -16.15 7.77
CA ILE A 268 7.86 -16.31 6.47
C ILE A 268 6.98 -15.67 5.40
N PRO A 269 7.49 -14.63 4.71
CA PRO A 269 6.76 -13.99 3.62
C PRO A 269 6.86 -14.84 2.37
N SER A 270 6.09 -14.54 1.33
CA SER A 270 6.26 -15.34 0.11
C SER A 270 5.84 -14.68 -1.21
N CYS A 271 4.83 -13.82 -1.20
CA CYS A 271 4.27 -13.32 -2.46
C CYS A 271 4.04 -14.49 -3.44
N ASN A 272 4.65 -14.49 -4.63
CA ASN A 272 4.41 -15.61 -5.56
C ASN A 272 5.32 -16.83 -5.35
N GLY A 273 6.19 -16.78 -4.35
CA GLY A 273 7.08 -17.90 -4.08
C GLY A 273 6.55 -18.88 -3.04
N VAL A 274 7.43 -19.82 -2.67
CA VAL A 274 7.30 -20.80 -1.57
C VAL A 274 6.23 -21.87 -1.79
N GLY A 275 5.05 -21.49 -2.23
CA GLY A 275 4.01 -22.48 -2.46
C GLY A 275 2.85 -21.95 -3.29
N GLN A 276 1.88 -22.82 -3.55
CA GLN A 276 0.80 -22.54 -4.49
C GLN A 276 -0.36 -21.79 -3.81
N SER A 277 -0.45 -20.50 -4.12
CA SER A 277 -1.38 -19.61 -3.44
C SER A 277 -2.86 -19.98 -3.59
N VAL A 278 -3.25 -20.51 -4.74
CA VAL A 278 -4.64 -20.86 -4.95
C VAL A 278 -5.09 -21.96 -4.00
N ALA A 279 -4.23 -22.97 -3.81
CA ALA A 279 -4.57 -24.06 -2.90
C ALA A 279 -4.67 -23.55 -1.46
N PHE A 280 -3.73 -22.72 -1.03
CA PHE A 280 -3.81 -22.15 0.31
C PHE A 280 -5.07 -21.31 0.49
N ALA A 281 -5.40 -20.50 -0.51
CA ALA A 281 -6.57 -19.65 -0.42
C ALA A 281 -7.85 -20.48 -0.32
N VAL A 282 -7.91 -21.60 -1.04
CA VAL A 282 -9.08 -22.47 -0.95
C VAL A 282 -9.20 -23.09 0.44
N GLU A 283 -8.07 -23.55 0.98
CA GLU A 283 -8.07 -24.18 2.29
C GLU A 283 -8.34 -23.19 3.40
N ALA A 284 -7.99 -21.91 3.17
CA ALA A 284 -8.23 -20.85 4.14
C ALA A 284 -9.62 -20.22 3.99
N GLY A 285 -10.40 -20.67 3.03
CA GLY A 285 -11.78 -20.22 2.89
C GLY A 285 -12.01 -18.90 2.16
N LEU A 286 -11.00 -18.41 1.44
CA LEU A 286 -11.19 -17.18 0.68
C LEU A 286 -12.17 -17.40 -0.46
N GLY A 287 -12.15 -18.59 -1.04
CA GLY A 287 -13.02 -18.89 -2.16
C GLY A 287 -12.83 -20.31 -2.65
N GLN A 288 -13.27 -20.56 -3.88
CA GLN A 288 -13.18 -21.89 -4.49
C GLN A 288 -12.34 -21.88 -5.75
N ALA A 289 -11.73 -23.02 -6.03
CA ALA A 289 -11.00 -23.17 -7.29
C ALA A 289 -12.01 -23.16 -8.43
N SER A 290 -11.53 -22.87 -9.63
CA SER A 290 -12.40 -22.61 -10.77
C SER A 290 -11.84 -23.22 -12.03
N ARG A 291 -12.62 -23.17 -13.12
CA ARG A 291 -12.17 -23.72 -14.39
C ARG A 291 -10.88 -23.05 -14.83
N MET A 292 -10.81 -21.72 -14.73
CA MET A 292 -9.62 -21.04 -15.23
C MET A 292 -8.39 -21.38 -14.36
N GLY A 293 -8.65 -21.82 -13.12
CA GLY A 293 -7.60 -22.24 -12.22
C GLY A 293 -7.38 -21.29 -11.04
N ALA A 294 -8.05 -20.15 -11.08
CA ALA A 294 -7.91 -19.15 -10.02
C ALA A 294 -8.85 -19.44 -8.87
N CYS A 295 -8.56 -18.86 -7.71
CA CYS A 295 -9.49 -18.84 -6.60
C CYS A 295 -10.55 -17.78 -6.86
N ILE A 296 -11.80 -18.22 -6.93
CA ILE A 296 -12.93 -17.30 -7.11
C ILE A 296 -13.54 -16.97 -5.75
N THR A 297 -13.60 -15.68 -5.45
CA THR A 297 -14.11 -15.22 -4.15
C THR A 297 -15.51 -14.65 -4.32
N PRO A 298 -16.32 -14.68 -3.26
CA PRO A 298 -17.67 -14.10 -3.39
C PRO A 298 -17.63 -12.60 -3.67
N GLU A 299 -16.65 -11.90 -3.12
CA GLU A 299 -16.58 -10.44 -3.22
C GLU A 299 -16.05 -9.92 -4.55
N PHE A 300 -15.03 -10.60 -5.09
CA PHE A 300 -14.28 -10.08 -6.22
C PHE A 300 -14.21 -11.05 -7.39
N GLY A 301 -14.84 -12.22 -7.24
CA GLY A 301 -14.62 -13.27 -8.20
C GLY A 301 -13.13 -13.61 -8.21
N PRO A 302 -12.59 -13.91 -9.40
CA PRO A 302 -11.15 -14.15 -9.49
C PRO A 302 -10.31 -12.87 -9.61
N ASN A 303 -10.96 -11.71 -9.59
CA ASN A 303 -10.25 -10.46 -9.86
C ASN A 303 -9.60 -9.94 -8.58
N VAL A 304 -8.73 -10.76 -8.02
CA VAL A 304 -8.12 -10.49 -6.72
C VAL A 304 -6.79 -11.24 -6.72
N ARG A 305 -5.72 -10.59 -6.24
CA ARG A 305 -4.44 -11.27 -6.10
C ARG A 305 -4.32 -11.90 -4.73
N LEU A 306 -3.40 -12.85 -4.62
CA LEU A 306 -3.18 -13.59 -3.38
C LEU A 306 -1.75 -13.48 -2.92
N THR A 307 -1.55 -13.40 -1.61
CA THR A 307 -0.23 -13.62 -1.06
C THR A 307 -0.44 -14.35 0.26
N LYS A 308 0.65 -14.80 0.88
CA LYS A 308 0.52 -15.61 2.08
C LYS A 308 1.75 -15.49 2.97
N VAL A 309 1.53 -15.72 4.26
CA VAL A 309 2.60 -15.68 5.24
C VAL A 309 2.51 -16.94 6.08
N PHE A 310 3.65 -17.58 6.34
CA PHE A 310 3.67 -18.82 7.11
C PHE A 310 4.15 -18.56 8.53
N THR A 311 3.51 -19.15 9.53
CA THR A 311 3.88 -18.84 10.92
C THR A 311 3.60 -19.96 11.94
N ASN A 312 4.32 -19.91 13.05
CA ASN A 312 4.04 -20.78 14.19
C ASN A 312 3.06 -20.12 15.19
N MET A 313 2.69 -18.86 14.95
CA MET A 313 1.69 -18.21 15.80
C MET A 313 0.44 -19.08 15.90
N PRO A 314 0.01 -19.42 17.14
CA PRO A 314 -1.26 -20.16 17.25
C PRO A 314 -2.42 -19.38 16.66
N LEU A 315 -3.24 -20.05 15.84
CA LEU A 315 -4.36 -19.39 15.19
C LEU A 315 -5.54 -20.35 15.08
N VAL A 316 -6.72 -19.80 14.83
CA VAL A 316 -7.92 -20.60 14.58
C VAL A 316 -8.14 -20.69 13.07
N PRO A 317 -8.06 -21.91 12.50
CA PRO A 317 -8.31 -22.01 11.06
C PRO A 317 -9.73 -21.62 10.70
N ASP A 318 -9.86 -20.97 9.55
CA ASP A 318 -11.17 -20.62 9.03
C ASP A 318 -11.79 -21.83 8.35
N LYS A 319 -13.10 -21.78 8.15
CA LYS A 319 -13.79 -22.86 7.44
C LYS A 319 -13.71 -22.65 5.93
N PRO A 320 -13.56 -23.73 5.16
CA PRO A 320 -13.67 -23.54 3.72
C PRO A 320 -15.08 -23.09 3.33
N ILE A 321 -15.23 -22.58 2.12
CA ILE A 321 -16.52 -22.10 1.65
C ILE A 321 -16.92 -22.81 0.36
N ASP A 322 -18.20 -23.13 0.23
CA ASP A 322 -18.71 -23.70 -1.01
C ASP A 322 -19.94 -22.91 -1.41
N PHE A 323 -19.78 -21.98 -2.34
CA PHE A 323 -20.93 -21.21 -2.81
C PHE A 323 -21.31 -21.60 -4.25
N GLY A 324 -20.96 -22.83 -4.62
CA GLY A 324 -21.40 -23.39 -5.89
C GLY A 324 -20.54 -23.07 -7.10
N VAL A 325 -19.30 -22.63 -6.89
CA VAL A 325 -18.45 -22.29 -8.03
C VAL A 325 -18.24 -23.49 -8.95
N THR A 326 -17.98 -24.66 -8.36
CA THR A 326 -17.69 -25.84 -9.16
C THR A 326 -18.83 -26.14 -10.13
N GLU A 327 -20.06 -26.05 -9.63
CA GLU A 327 -21.22 -26.36 -10.46
C GLU A 327 -21.44 -25.30 -11.55
N PHE A 328 -21.14 -24.04 -11.26
CA PHE A 328 -21.22 -23.03 -12.30
C PHE A 328 -20.13 -23.21 -13.35
N CYS A 329 -18.91 -23.48 -12.92
CA CYS A 329 -17.81 -23.68 -13.88
C CYS A 329 -18.08 -24.88 -14.78
N GLU A 330 -18.79 -25.88 -14.25
N GLU A 330 -18.79 -25.89 -14.25
CA GLU A 330 -19.13 -27.06 -15.02
CA GLU A 330 -19.10 -27.08 -15.05
C GLU A 330 -19.92 -26.71 -16.28
C GLU A 330 -19.96 -26.76 -16.28
N THR A 331 -20.82 -25.75 -16.15
CA THR A 331 -21.73 -25.40 -17.24
C THR A 331 -21.40 -24.11 -17.97
N CYS A 332 -20.52 -23.30 -17.42
CA CYS A 332 -20.30 -21.95 -17.95
C CYS A 332 -19.31 -21.93 -19.13
N LYS A 333 -18.06 -22.26 -18.84
CA LYS A 333 -16.98 -22.28 -19.83
C LYS A 333 -16.68 -20.97 -20.59
N LYS A 334 -17.10 -19.83 -20.06
N LYS A 334 -17.11 -19.82 -20.06
CA LYS A 334 -16.88 -18.58 -20.78
CA LYS A 334 -16.90 -18.55 -20.74
C LYS A 334 -15.39 -18.26 -20.95
C LYS A 334 -15.41 -18.23 -20.93
N CYS A 335 -14.63 -18.46 -19.88
CA CYS A 335 -13.20 -18.19 -19.91
C CYS A 335 -12.52 -19.05 -20.97
N ALA A 336 -12.94 -20.32 -21.06
CA ALA A 336 -12.37 -21.23 -22.04
C ALA A 336 -12.67 -20.77 -23.48
N ARG A 337 -13.87 -20.27 -23.70
CA ARG A 337 -14.25 -19.85 -25.05
C ARG A 337 -13.55 -18.56 -25.45
N GLU A 338 -13.34 -17.68 -24.47
CA GLU A 338 -12.76 -16.38 -24.77
C GLU A 338 -11.23 -16.35 -24.71
N CYS A 339 -10.63 -17.37 -24.11
CA CYS A 339 -9.16 -17.41 -23.99
C CYS A 339 -8.48 -17.29 -25.36
N PRO A 340 -7.62 -16.27 -25.54
CA PRO A 340 -7.01 -16.09 -26.87
C PRO A 340 -6.02 -17.18 -27.26
N SER A 341 -5.58 -18.00 -26.30
CA SER A 341 -4.60 -19.04 -26.61
C SER A 341 -5.17 -20.46 -26.49
N LYS A 342 -6.48 -20.55 -26.23
CA LYS A 342 -7.14 -21.83 -25.97
C LYS A 342 -6.42 -22.65 -24.89
N ALA A 343 -5.94 -21.97 -23.85
CA ALA A 343 -5.20 -22.62 -22.78
C ALA A 343 -6.10 -23.35 -21.78
N ILE A 344 -7.33 -22.86 -21.66
CA ILE A 344 -8.26 -23.35 -20.64
C ILE A 344 -9.12 -24.47 -21.20
N THR A 345 -9.15 -25.60 -20.48
CA THR A 345 -9.90 -26.76 -20.94
C THR A 345 -11.41 -26.53 -20.88
N GLU A 346 -12.13 -27.12 -21.83
CA GLU A 346 -13.58 -27.17 -21.78
C GLU A 346 -14.05 -28.52 -21.26
N GLY A 347 -13.10 -29.39 -20.92
CA GLY A 347 -13.40 -30.73 -20.47
C GLY A 347 -13.60 -30.82 -18.96
N PRO A 348 -13.77 -32.04 -18.45
CA PRO A 348 -14.00 -32.26 -17.02
C PRO A 348 -12.72 -32.19 -16.19
N ARG A 349 -12.86 -32.08 -14.87
CA ARG A 349 -11.71 -32.15 -13.98
C ARG A 349 -11.11 -33.56 -13.99
N THR A 350 -9.79 -33.63 -13.85
CA THR A 350 -9.10 -34.91 -13.73
C THR A 350 -7.98 -34.78 -12.69
N PHE A 351 -7.34 -35.90 -12.39
CA PHE A 351 -6.18 -35.92 -11.48
C PHE A 351 -4.88 -35.93 -12.28
N GLU A 352 -4.98 -35.86 -13.61
CA GLU A 352 -3.81 -36.03 -14.47
C GLU A 352 -3.37 -34.72 -15.11
N GLY A 353 -2.18 -34.28 -14.76
CA GLY A 353 -1.62 -33.07 -15.32
C GLY A 353 -1.60 -33.08 -16.84
N ARG A 354 -1.93 -31.93 -17.41
CA ARG A 354 -1.89 -31.74 -18.85
C ARG A 354 -0.45 -31.74 -19.37
N SER A 355 0.42 -31.08 -18.63
CA SER A 355 1.84 -31.04 -18.97
C SER A 355 2.66 -30.84 -17.71
N ILE A 356 3.96 -30.67 -17.88
CA ILE A 356 4.88 -30.49 -16.77
C ILE A 356 4.47 -29.33 -15.84
N HIS A 357 3.76 -28.35 -16.37
CA HIS A 357 3.41 -27.16 -15.58
C HIS A 357 2.35 -27.43 -14.53
N ASN A 358 1.60 -28.53 -14.68
CA ASN A 358 0.55 -28.87 -13.71
C ASN A 358 1.05 -29.86 -12.68
N GLN A 359 0.60 -29.70 -11.44
CA GLN A 359 0.84 -30.72 -10.43
C GLN A 359 -0.23 -31.81 -10.48
N SER A 360 0.16 -33.00 -10.93
CA SER A 360 -0.74 -34.16 -10.98
C SER A 360 -1.12 -34.61 -9.58
N GLY A 361 -2.25 -35.32 -9.46
CA GLY A 361 -2.65 -35.87 -8.19
C GLY A 361 -3.65 -35.08 -7.37
N LYS A 362 -4.19 -34.01 -7.94
CA LYS A 362 -5.26 -33.27 -7.27
C LYS A 362 -6.34 -33.00 -8.31
N LEU A 363 -7.60 -33.11 -7.90
CA LEU A 363 -8.70 -32.95 -8.83
C LEU A 363 -8.90 -31.48 -9.17
N GLN A 364 -8.73 -31.15 -10.44
CA GLN A 364 -8.80 -29.76 -10.87
C GLN A 364 -9.03 -29.73 -12.38
N TRP A 365 -9.43 -28.59 -12.90
CA TRP A 365 -9.42 -28.41 -14.34
C TRP A 365 -7.97 -28.19 -14.79
N GLN A 366 -7.53 -29.01 -15.74
CA GLN A 366 -6.13 -29.01 -16.16
C GLN A 366 -5.96 -28.12 -17.39
N ASN A 367 -5.24 -27.02 -17.20
CA ASN A 367 -5.04 -26.06 -18.28
C ASN A 367 -3.63 -26.10 -18.83
N ASP A 368 -3.47 -25.68 -20.10
CA ASP A 368 -2.15 -25.66 -20.72
C ASP A 368 -1.52 -24.28 -20.52
N TYR A 369 -0.62 -24.18 -19.55
CA TYR A 369 -0.12 -22.87 -19.16
C TYR A 369 1.05 -22.42 -20.02
N ASN A 370 1.59 -23.31 -20.83
CA ASN A 370 2.54 -22.88 -21.86
C ASN A 370 1.80 -22.09 -22.94
N LYS A 371 0.60 -22.55 -23.29
CA LYS A 371 -0.23 -21.82 -24.25
C LYS A 371 -0.57 -20.44 -23.71
N CYS A 372 -0.96 -20.38 -22.44
CA CYS A 372 -1.23 -19.08 -21.80
C CYS A 372 -0.04 -18.12 -21.93
N LEU A 373 1.13 -18.56 -21.47
CA LEU A 373 2.30 -17.70 -21.45
C LEU A 373 2.66 -17.25 -22.87
N GLY A 374 2.41 -18.13 -23.84
CA GLY A 374 2.67 -17.80 -25.24
C GLY A 374 1.95 -16.57 -25.75
N TYR A 375 0.78 -16.31 -25.19
CA TYR A 375 0.00 -15.15 -25.61
C TYR A 375 0.54 -13.85 -25.01
N TRP A 376 1.38 -13.94 -23.99
CA TRP A 376 1.80 -12.70 -23.33
C TRP A 376 2.77 -11.87 -24.21
N PRO A 377 3.78 -12.50 -24.84
CA PRO A 377 4.57 -11.67 -25.77
C PRO A 377 3.77 -11.20 -26.98
N GLU A 378 2.81 -12.00 -27.42
N GLU A 378 2.82 -12.01 -27.43
CA GLU A 378 1.99 -11.64 -28.57
CA GLU A 378 1.99 -11.64 -28.56
C GLU A 378 1.15 -10.40 -28.28
C GLU A 378 1.20 -10.37 -28.26
N SER A 379 0.68 -10.28 -27.04
CA SER A 379 -0.21 -9.19 -26.67
C SER A 379 0.51 -8.09 -25.91
N GLY A 380 1.77 -8.33 -25.54
CA GLY A 380 2.55 -7.34 -24.82
C GLY A 380 2.09 -7.06 -23.38
N GLY A 381 1.50 -8.05 -22.73
CA GLY A 381 1.00 -7.85 -21.38
C GLY A 381 0.88 -9.13 -20.57
N TYR A 382 -0.05 -9.14 -19.62
CA TYR A 382 -0.27 -10.31 -18.76
C TYR A 382 -1.69 -10.82 -18.98
N CYS A 383 -2.23 -10.50 -20.16
CA CYS A 383 -3.58 -10.88 -20.58
C CYS A 383 -4.61 -10.63 -19.48
N GLY A 384 -5.19 -11.70 -18.92
CA GLY A 384 -6.25 -11.56 -17.93
C GLY A 384 -7.65 -11.63 -18.48
N VAL A 385 -7.79 -12.02 -19.76
CA VAL A 385 -9.10 -12.04 -20.40
C VAL A 385 -10.04 -12.97 -19.62
N CYS A 386 -9.50 -14.10 -19.14
CA CYS A 386 -10.30 -15.05 -18.37
C CYS A 386 -10.89 -14.41 -17.10
N VAL A 387 -10.07 -13.67 -16.37
CA VAL A 387 -10.55 -12.92 -15.19
C VAL A 387 -11.60 -11.89 -15.60
N ALA A 388 -11.31 -11.16 -16.67
CA ALA A 388 -12.21 -10.12 -17.15
C ALA A 388 -13.60 -10.64 -17.54
N VAL A 389 -13.67 -11.79 -18.21
CA VAL A 389 -14.96 -12.27 -18.71
C VAL A 389 -15.72 -13.15 -17.72
N CYS A 390 -15.06 -13.56 -16.65
CA CYS A 390 -15.72 -14.41 -15.66
C CYS A 390 -16.91 -13.68 -15.03
N PRO A 391 -18.10 -14.30 -15.03
CA PRO A 391 -19.22 -13.58 -14.45
C PRO A 391 -19.03 -13.21 -12.99
N PHE A 392 -18.23 -13.97 -12.25
CA PHE A 392 -18.01 -13.65 -10.83
C PHE A 392 -17.21 -12.37 -10.64
N THR A 393 -16.55 -11.90 -11.69
CA THR A 393 -15.82 -10.64 -11.65
C THR A 393 -16.75 -9.41 -11.66
N LYS A 394 -17.95 -9.57 -12.22
CA LYS A 394 -18.95 -8.49 -12.16
C LYS A 394 -19.32 -8.17 -10.71
N GLY A 395 -19.72 -6.93 -10.45
CA GLY A 395 -20.08 -6.58 -9.08
C GLY A 395 -21.49 -7.00 -8.68
N ASN A 396 -22.22 -7.59 -9.63
CA ASN A 396 -23.68 -7.72 -9.52
C ASN A 396 -24.26 -9.12 -9.40
N ILE A 397 -23.53 -10.06 -8.81
CA ILE A 397 -23.95 -11.44 -9.01
C ILE A 397 -24.91 -11.92 -7.90
N TRP A 398 -24.87 -11.28 -6.74
CA TRP A 398 -25.60 -11.77 -5.58
C TRP A 398 -27.00 -11.21 -5.44
N ILE A 399 -27.97 -12.09 -5.23
CA ILE A 399 -29.33 -11.64 -4.94
C ILE A 399 -29.89 -12.43 -3.77
N HIS A 400 -30.88 -11.84 -3.11
CA HIS A 400 -31.50 -12.48 -1.94
C HIS A 400 -32.95 -12.76 -2.30
N ASP A 401 -33.44 -13.97 -2.01
CA ASP A 401 -34.78 -14.33 -2.46
C ASP A 401 -35.83 -14.21 -1.34
N GLY A 402 -35.44 -13.56 -0.26
CA GLY A 402 -36.33 -13.42 0.88
C GLY A 402 -35.99 -14.42 1.98
N VAL A 403 -35.30 -15.49 1.59
CA VAL A 403 -34.90 -16.52 2.55
C VAL A 403 -33.38 -16.62 2.66
N GLU A 404 -32.71 -16.63 1.51
CA GLU A 404 -31.26 -16.80 1.50
C GLU A 404 -30.61 -16.14 0.27
N TRP A 405 -29.28 -16.07 0.29
CA TRP A 405 -28.51 -15.54 -0.83
C TRP A 405 -28.35 -16.57 -1.94
N LEU A 406 -28.28 -16.11 -3.18
CA LEU A 406 -28.07 -17.00 -4.31
C LEU A 406 -27.37 -16.25 -5.44
N ILE A 407 -26.80 -16.99 -6.37
N ILE A 407 -26.79 -17.00 -6.37
CA ILE A 407 -26.15 -16.42 -7.54
CA ILE A 407 -26.16 -16.45 -7.56
C ILE A 407 -27.16 -16.22 -8.68
C ILE A 407 -27.21 -16.20 -8.63
N ASP A 408 -27.18 -15.02 -9.24
CA ASP A 408 -28.09 -14.69 -10.36
C ASP A 408 -27.67 -15.40 -11.65
N ASN A 409 -28.39 -16.44 -12.04
CA ASN A 409 -28.05 -17.21 -13.24
C ASN A 409 -28.04 -16.39 -14.54
N THR A 410 -28.73 -15.25 -14.55
CA THR A 410 -28.82 -14.47 -15.78
C THR A 410 -27.42 -13.96 -16.17
N ARG A 411 -26.56 -13.76 -15.17
CA ARG A 411 -25.18 -13.30 -15.43
C ARG A 411 -24.32 -14.32 -16.17
N PHE A 412 -24.80 -15.55 -16.28
CA PHE A 412 -24.05 -16.62 -16.96
C PHE A 412 -24.59 -16.96 -18.35
N LEU A 413 -25.64 -16.28 -18.78
CA LEU A 413 -26.17 -16.53 -20.12
C LEU A 413 -25.16 -16.12 -21.18
N ASP A 414 -24.99 -16.96 -22.21
CA ASP A 414 -24.02 -16.65 -23.28
C ASP A 414 -24.60 -17.06 -24.64
N PRO A 415 -24.98 -16.07 -25.47
CA PRO A 415 -24.79 -14.62 -25.27
C PRO A 415 -25.67 -14.04 -24.17
N LEU A 416 -25.22 -12.95 -23.57
CA LEU A 416 -26.03 -12.23 -22.60
C LEU A 416 -27.34 -11.80 -23.25
N MET A 417 -28.44 -12.04 -22.54
CA MET A 417 -29.77 -11.79 -23.07
C MET A 417 -30.38 -10.56 -22.42
N ASN A 431 -13.75 1.94 -23.26
CA ASN A 431 -12.37 1.86 -23.74
C ASN A 431 -11.38 2.45 -22.73
N ILE A 432 -10.10 2.43 -23.09
CA ILE A 432 -9.07 2.80 -22.14
C ILE A 432 -9.07 4.31 -21.87
N THR A 433 -9.40 5.12 -22.87
CA THR A 433 -9.58 6.55 -22.63
C THR A 433 -10.63 6.79 -21.55
N GLU A 434 -11.74 6.06 -21.64
CA GLU A 434 -12.82 6.21 -20.67
C GLU A 434 -12.41 5.76 -19.27
N VAL A 435 -11.50 4.79 -19.19
CA VAL A 435 -10.95 4.38 -17.90
C VAL A 435 -10.09 5.49 -17.30
N TRP A 436 -9.17 6.04 -18.08
CA TRP A 436 -8.34 7.17 -17.61
C TRP A 436 -9.19 8.38 -17.20
N ASP A 437 -10.31 8.58 -17.87
CA ASP A 437 -11.20 9.73 -17.60
C ASP A 437 -12.30 9.40 -16.60
N GLY A 438 -12.34 8.15 -16.13
CA GLY A 438 -13.47 7.66 -15.37
C GLY A 438 -13.22 7.51 -13.88
N LYS A 439 -14.05 6.68 -13.26
CA LYS A 439 -14.03 6.48 -11.81
C LYS A 439 -12.76 5.84 -11.28
N ILE A 440 -12.21 6.44 -10.22
CA ILE A 440 -11.10 5.81 -9.52
C ILE A 440 -11.19 6.24 -8.05
N ASN A 441 -10.51 5.50 -7.19
CA ASN A 441 -10.48 5.84 -5.77
C ASN A 441 -9.21 5.22 -5.21
N THR A 442 -8.97 5.38 -3.91
CA THR A 442 -7.68 5.00 -3.33
C THR A 442 -7.36 3.52 -3.57
N TYR A 443 -6.15 3.28 -4.06
CA TYR A 443 -5.64 1.92 -4.38
C TYR A 443 -6.50 1.23 -5.43
N GLY A 444 -7.32 1.98 -6.15
CA GLY A 444 -8.20 1.42 -7.14
C GLY A 444 -9.39 0.70 -6.55
N LEU A 445 -9.58 0.80 -5.24
CA LEU A 445 -10.76 0.23 -4.59
C LEU A 445 -12.02 0.98 -5.00
N ASP A 446 -13.17 0.31 -4.91
CA ASP A 446 -14.44 0.89 -5.36
C ASP A 446 -15.38 1.10 -4.17
N ALA A 447 -15.69 2.36 -3.88
CA ALA A 447 -16.55 2.69 -2.75
C ALA A 447 -17.97 2.13 -2.91
N ASP A 448 -18.36 1.77 -4.14
CA ASP A 448 -19.68 1.16 -4.34
C ASP A 448 -19.74 -0.24 -3.70
N HIS A 449 -18.59 -0.84 -3.51
CA HIS A 449 -18.52 -2.21 -3.00
C HIS A 449 -17.68 -2.38 -1.74
N PHE A 450 -17.01 -1.31 -1.32
CA PHE A 450 -16.02 -1.40 -0.24
C PHE A 450 -16.66 -1.82 1.10
N ARG A 451 -17.95 -1.56 1.27
CA ARG A 451 -18.63 -2.06 2.48
C ARG A 451 -18.55 -3.58 2.60
N ASP A 452 -18.40 -4.27 1.48
CA ASP A 452 -18.39 -5.73 1.49
C ASP A 452 -17.22 -6.29 2.29
N THR A 453 -16.16 -5.51 2.50
CA THR A 453 -14.99 -6.06 3.21
C THR A 453 -14.83 -5.42 4.59
N VAL A 454 -15.89 -4.79 5.09
CA VAL A 454 -15.86 -4.30 6.46
C VAL A 454 -15.72 -5.50 7.40
N SER A 455 -15.05 -5.31 8.54
CA SER A 455 -14.79 -6.41 9.45
C SER A 455 -14.93 -6.01 10.92
N PHE A 456 -15.66 -6.82 11.68
CA PHE A 456 -15.76 -6.70 13.13
C PHE A 456 -15.21 -7.97 13.72
N ARG A 457 -15.02 -8.02 15.03
CA ARG A 457 -14.43 -9.22 15.62
C ARG A 457 -15.17 -10.50 15.25
N LYS A 458 -16.50 -10.44 15.23
CA LYS A 458 -17.30 -11.65 14.95
C LYS A 458 -16.97 -12.30 13.62
N ASP A 459 -16.51 -11.53 12.65
CA ASP A 459 -16.16 -12.15 11.37
C ASP A 459 -14.64 -12.35 11.23
N ARG A 460 -13.88 -11.99 12.25
CA ARG A 460 -12.46 -12.34 12.30
C ARG A 460 -12.20 -13.67 13.02
N VAL A 461 -12.97 -13.92 14.07
CA VAL A 461 -12.81 -15.15 14.82
C VAL A 461 -14.15 -15.49 15.51
N LYS A 462 -14.48 -16.76 15.57
CA LYS A 462 -15.76 -17.15 16.19
C LYS A 462 -15.61 -17.55 17.66
N LYS B 5 -24.08 14.39 1.21
CA LYS B 5 -22.64 14.51 1.44
C LYS B 5 -21.88 14.32 0.14
N ASN B 6 -21.49 15.43 -0.48
CA ASN B 6 -20.78 15.42 -1.75
C ASN B 6 -19.50 16.24 -1.66
N ALA B 7 -18.35 15.55 -1.64
CA ALA B 7 -17.08 16.22 -1.42
C ALA B 7 -16.65 17.07 -2.62
N ALA B 8 -17.04 16.64 -3.82
CA ALA B 8 -16.68 17.35 -5.04
C ALA B 8 -17.42 18.69 -5.09
N GLU B 9 -18.71 18.64 -4.75
CA GLU B 9 -19.54 19.83 -4.65
C GLU B 9 -18.97 20.82 -3.63
N ILE B 10 -18.59 20.28 -2.47
CA ILE B 10 -18.05 21.08 -1.38
C ILE B 10 -16.76 21.77 -1.79
N ARG B 11 -15.83 21.03 -2.37
CA ARG B 11 -14.57 21.63 -2.79
C ARG B 11 -14.77 22.68 -3.87
N GLN B 12 -15.72 22.44 -4.77
CA GLN B 12 -15.99 23.40 -5.82
C GLN B 12 -16.55 24.70 -5.24
N GLN B 13 -17.44 24.54 -4.25
CA GLN B 13 -18.10 25.69 -3.64
C GLN B 13 -17.10 26.60 -2.92
N PHE B 14 -16.09 26.01 -2.30
CA PHE B 14 -15.18 26.79 -1.47
C PHE B 14 -13.84 27.11 -2.15
N ALA B 15 -13.77 26.86 -3.45
CA ALA B 15 -12.57 27.19 -4.22
C ALA B 15 -12.32 28.70 -4.19
N MET B 16 -11.06 29.06 -3.97
N MET B 16 -11.07 29.09 -4.02
CA MET B 16 -10.60 30.46 -4.01
CA MET B 16 -10.75 30.51 -4.06
C MET B 16 -10.17 30.83 -5.42
C MET B 16 -10.02 30.84 -5.35
N THR B 17 -9.91 32.13 -5.64
CA THR B 17 -9.20 32.57 -6.84
C THR B 17 -7.73 32.19 -6.66
N ALA B 18 -6.96 32.22 -7.73
CA ALA B 18 -5.56 31.78 -7.66
C ALA B 18 -4.73 32.70 -6.78
N GLY B 19 -3.72 32.13 -6.12
CA GLY B 19 -2.81 32.90 -5.29
C GLY B 19 -2.58 32.22 -3.95
N SER B 20 -1.31 32.04 -3.58
CA SER B 20 -0.97 31.47 -2.28
C SER B 20 -1.71 32.18 -1.16
N PRO B 21 -2.42 31.42 -0.31
CA PRO B 21 -3.20 31.97 0.80
C PRO B 21 -2.32 32.38 1.98
N ILE B 22 -1.07 31.94 1.97
CA ILE B 22 -0.18 32.17 3.10
C ILE B 22 0.36 33.60 3.07
N ILE B 23 0.06 34.36 4.12
CA ILE B 23 0.46 35.74 4.21
C ILE B 23 1.88 35.82 4.76
N VAL B 24 2.75 36.54 4.06
CA VAL B 24 4.16 36.61 4.44
C VAL B 24 4.63 38.05 4.52
N ASN B 25 5.74 38.29 5.22
CA ASN B 25 6.34 39.62 5.24
C ASN B 25 7.77 39.56 4.68
N ASP B 26 8.49 40.68 4.73
CA ASP B 26 9.81 40.75 4.12
C ASP B 26 10.90 40.11 4.99
N LYS B 27 10.50 39.59 6.15
CA LYS B 27 11.44 38.95 7.06
C LYS B 27 11.56 37.45 6.80
N LEU B 28 10.67 36.91 5.99
CA LEU B 28 10.62 35.46 5.75
C LEU B 28 11.89 34.94 5.06
N GLU B 29 12.49 33.92 5.64
CA GLU B 29 13.63 33.25 5.02
C GLU B 29 13.41 31.75 5.04
N ARG B 30 14.05 31.04 4.11
CA ARG B 30 13.93 29.59 4.10
C ARG B 30 14.51 29.02 5.39
N TYR B 31 13.93 27.90 5.81
CA TYR B 31 14.10 27.34 7.15
C TYR B 31 15.02 26.13 7.11
N ALA B 32 16.06 26.10 7.97
CA ALA B 32 16.95 24.95 8.04
C ALA B 32 16.27 23.79 8.76
N GLU B 33 16.24 22.62 8.12
CA GLU B 33 15.52 21.46 8.66
C GLU B 33 15.98 21.07 10.06
N VAL B 34 17.26 21.27 10.35
CA VAL B 34 17.83 20.86 11.64
C VAL B 34 17.11 21.58 12.80
N ARG B 35 16.45 22.68 12.49
CA ARG B 35 15.75 23.45 13.52
C ARG B 35 14.49 22.77 14.07
N THR B 36 13.97 21.74 13.41
CA THR B 36 12.77 21.07 13.94
C THR B 36 13.08 20.45 15.29
N ALA B 37 12.05 20.24 16.11
CA ALA B 37 12.27 19.74 17.46
C ALA B 37 12.88 18.33 17.45
N PHE B 38 12.55 17.55 16.42
CA PHE B 38 13.09 16.19 16.29
C PHE B 38 14.61 16.14 16.23
N THR B 39 15.21 17.19 15.67
CA THR B 39 16.64 17.14 15.33
C THR B 39 17.50 18.18 16.03
N HIS B 40 16.91 19.29 16.48
CA HIS B 40 17.74 20.35 17.02
C HIS B 40 18.39 19.96 18.35
N PRO B 41 19.67 20.35 18.57
CA PRO B 41 20.38 20.02 19.80
C PRO B 41 19.66 20.46 21.09
N THR B 42 18.91 21.55 21.03
CA THR B 42 18.22 22.04 22.24
C THR B 42 17.04 21.16 22.66
N SER B 43 16.50 20.36 21.72
CA SER B 43 15.26 19.64 21.96
C SER B 43 15.40 18.13 21.82
N PHE B 44 16.53 17.68 21.27
CA PHE B 44 16.69 16.30 20.87
C PHE B 44 16.77 15.35 22.06
N PHE B 45 17.42 15.81 23.14
CA PHE B 45 17.61 14.97 24.31
C PHE B 45 16.51 15.19 25.34
N LYS B 46 15.95 14.08 25.83
CA LYS B 46 14.89 14.12 26.84
C LYS B 46 15.12 13.03 27.88
N PRO B 47 14.75 13.29 29.13
CA PRO B 47 14.87 12.26 30.16
C PRO B 47 13.85 11.13 29.96
N ASN B 48 14.22 9.92 30.33
CA ASN B 48 13.22 8.85 30.41
C ASN B 48 12.59 8.86 31.80
N TYR B 49 11.72 7.90 32.10
CA TYR B 49 11.00 7.90 33.37
C TYR B 49 11.91 7.58 34.58
N LYS B 50 13.13 7.12 34.31
CA LYS B 50 14.11 6.85 35.36
C LYS B 50 15.00 8.05 35.59
N GLY B 51 14.89 9.07 34.75
CA GLY B 51 15.72 10.25 34.90
C GLY B 51 17.00 10.17 34.10
N GLU B 52 17.06 9.22 33.17
CA GLU B 52 18.23 9.10 32.30
C GLU B 52 18.02 9.92 31.04
N VAL B 53 18.96 10.80 30.71
CA VAL B 53 18.80 11.63 29.52
C VAL B 53 19.29 10.89 28.27
N LYS B 54 18.43 10.83 27.25
CA LYS B 54 18.72 10.10 26.02
C LYS B 54 18.14 10.83 24.82
N PRO B 55 18.55 10.43 23.60
CA PRO B 55 17.75 10.81 22.43
C PRO B 55 16.26 10.59 22.71
N TRP B 56 15.43 11.56 22.32
CA TRP B 56 14.02 11.54 22.71
C TRP B 56 13.33 10.20 22.39
N PHE B 57 13.66 9.60 21.25
CA PHE B 57 12.95 8.39 20.87
C PHE B 57 13.40 7.18 21.69
N LEU B 58 14.63 7.22 22.19
CA LEU B 58 15.12 6.16 23.06
C LEU B 58 14.43 6.24 24.42
N SER B 59 14.24 7.46 24.94
CA SER B 59 13.51 7.61 26.19
C SER B 59 12.05 7.20 26.01
N ALA B 60 11.47 7.52 24.86
CA ALA B 60 10.11 7.05 24.55
C ALA B 60 10.06 5.51 24.47
N TYR B 61 11.06 4.89 23.89
CA TYR B 61 11.15 3.42 23.90
C TYR B 61 11.09 2.84 25.32
N ASP B 62 11.83 3.46 26.25
CA ASP B 62 11.84 2.98 27.62
C ASP B 62 10.44 3.03 28.22
N GLU B 63 9.66 4.04 27.86
CA GLU B 63 8.29 4.15 28.34
C GLU B 63 7.38 3.10 27.70
N LYS B 64 7.58 2.78 26.42
CA LYS B 64 6.80 1.72 25.78
C LYS B 64 7.04 0.38 26.49
N VAL B 65 8.31 0.08 26.78
CA VAL B 65 8.65 -1.15 27.48
C VAL B 65 8.02 -1.20 28.88
N ARG B 66 8.14 -0.09 29.61
CA ARG B 66 7.56 0.00 30.94
C ARG B 66 6.05 -0.24 30.88
N GLN B 67 5.42 0.32 29.86
CA GLN B 67 3.97 0.19 29.72
C GLN B 67 3.57 -1.24 29.44
N ILE B 68 4.29 -1.89 28.53
CA ILE B 68 3.99 -3.29 28.24
C ILE B 68 4.11 -4.14 29.51
N GLU B 69 5.22 -4.00 30.22
CA GLU B 69 5.44 -4.74 31.44
C GLU B 69 4.35 -4.47 32.47
N ASN B 70 3.83 -3.25 32.48
CA ASN B 70 2.79 -2.89 33.44
C ASN B 70 1.37 -3.03 32.88
N GLY B 71 1.24 -3.62 31.70
CA GLY B 71 -0.07 -3.88 31.11
C GLY B 71 -0.85 -2.61 30.83
N GLU B 72 -0.19 -1.65 30.19
CA GLU B 72 -0.77 -0.35 29.89
C GLU B 72 -0.68 -0.06 28.39
N ASN B 73 -1.70 0.62 27.85
CA ASN B 73 -1.72 1.03 26.45
C ASN B 73 -1.26 2.47 26.25
N GLY B 74 -1.02 3.16 27.35
CA GLY B 74 -0.59 4.54 27.31
C GLY B 74 -0.37 5.02 28.73
N PRO B 75 -0.05 6.32 28.88
CA PRO B 75 0.22 6.87 30.22
C PRO B 75 -1.02 6.79 31.12
N LYS B 76 -0.88 6.08 32.24
CA LYS B 76 -1.99 5.87 33.18
C LYS B 76 -3.22 5.24 32.52
N MET B 77 -3.01 4.52 31.41
CA MET B 77 -4.12 3.87 30.76
C MET B 77 -3.93 2.36 30.76
N LYS B 78 -4.64 1.69 31.66
CA LYS B 78 -4.54 0.24 31.79
C LYS B 78 -5.09 -0.44 30.56
N ALA B 79 -4.34 -1.42 30.04
CA ALA B 79 -4.81 -2.29 28.99
C ALA B 79 -5.67 -3.40 29.58
N LYS B 80 -6.34 -4.16 28.73
CA LYS B 80 -7.10 -5.32 29.20
C LYS B 80 -6.18 -6.29 29.92
N ASN B 81 -4.98 -6.46 29.37
CA ASN B 81 -3.94 -7.31 29.94
C ASN B 81 -2.62 -7.00 29.24
N VAL B 82 -1.55 -7.64 29.68
CA VAL B 82 -0.23 -7.40 29.10
C VAL B 82 -0.21 -7.78 27.62
N GLY B 83 -0.95 -8.84 27.28
CA GLY B 83 -1.07 -9.25 25.88
C GLY B 83 -1.57 -8.15 24.98
N GLU B 84 -2.63 -7.47 25.40
CA GLU B 84 -3.16 -6.36 24.63
C GLU B 84 -2.14 -5.21 24.49
N ALA B 85 -1.48 -4.89 25.61
CA ALA B 85 -0.47 -3.83 25.60
C ALA B 85 0.62 -4.15 24.56
N ARG B 86 1.12 -5.39 24.60
CA ARG B 86 2.13 -5.87 23.65
C ARG B 86 1.69 -5.75 22.19
N ALA B 87 0.44 -6.13 21.92
CA ALA B 87 -0.11 -6.11 20.56
C ALA B 87 -0.16 -4.70 19.97
N GLY B 88 -0.55 -3.73 20.78
CA GLY B 88 -0.59 -2.35 20.32
C GLY B 88 0.79 -1.87 19.89
N ARG B 89 1.81 -2.18 20.69
CA ARG B 89 3.17 -1.76 20.36
C ARG B 89 3.73 -2.56 19.19
N ALA B 90 3.35 -3.84 19.08
CA ALA B 90 3.78 -4.64 17.93
C ALA B 90 3.19 -4.07 16.64
N LEU B 91 1.91 -3.67 16.69
CA LEU B 91 1.26 -3.09 15.52
C LEU B 91 1.94 -1.77 15.14
N GLU B 92 2.20 -0.93 16.13
CA GLU B 92 2.91 0.34 15.92
C GLU B 92 4.27 0.13 15.28
N ALA B 93 5.09 -0.75 15.85
CA ALA B 93 6.45 -0.95 15.34
C ALA B 93 6.40 -1.47 13.92
N ALA B 94 5.48 -2.41 13.66
CA ALA B 94 5.34 -2.95 12.31
C ALA B 94 4.94 -1.90 11.27
N GLY B 95 4.10 -0.95 11.68
CA GLY B 95 3.60 0.04 10.72
C GLY B 95 4.71 0.80 10.03
N TRP B 96 5.82 0.99 10.74
CA TRP B 96 6.98 1.77 10.28
C TRP B 96 7.90 1.03 9.30
N THR B 97 7.50 -0.16 8.84
CA THR B 97 8.40 -1.03 8.07
C THR B 97 9.06 -0.35 6.87
N LEU B 98 8.31 0.49 6.16
CA LEU B 98 8.85 1.13 4.96
C LEU B 98 9.23 2.59 5.21
N ASP B 99 9.74 2.86 6.41
CA ASP B 99 10.13 4.22 6.77
C ASP B 99 11.48 4.22 7.47
N ILE B 100 12.34 5.15 7.08
CA ILE B 100 13.65 5.27 7.71
C ILE B 100 13.68 6.33 8.80
N ASN B 101 14.02 5.91 10.01
CA ASN B 101 14.31 6.82 11.14
C ASN B 101 13.24 7.88 11.34
N TYR B 102 11.99 7.43 11.29
CA TYR B 102 10.83 8.24 11.63
C TYR B 102 10.65 9.43 10.68
N GLY B 103 10.42 9.14 9.41
CA GLY B 103 9.95 10.15 8.47
C GLY B 103 10.60 10.18 7.11
N ASN B 104 11.60 9.33 6.88
CA ASN B 104 12.27 9.29 5.57
C ASN B 104 12.84 10.67 5.16
N ILE B 105 13.39 11.42 6.11
CA ILE B 105 13.74 12.81 5.77
C ILE B 105 15.02 12.97 4.95
N TYR B 106 15.97 12.03 5.04
CA TYR B 106 17.25 12.23 4.33
C TYR B 106 17.00 12.17 2.82
N PRO B 107 17.26 13.27 2.11
CA PRO B 107 16.97 13.22 0.67
C PRO B 107 17.98 12.38 -0.09
N ASN B 108 17.50 11.68 -1.12
CA ASN B 108 18.37 10.90 -2.00
C ASN B 108 19.12 9.80 -1.24
N ARG B 109 18.45 9.26 -0.22
CA ARG B 109 18.97 8.13 0.55
C ARG B 109 17.84 7.10 0.69
N PHE B 110 18.22 5.82 0.73
CA PHE B 110 17.29 4.72 1.03
C PHE B 110 16.10 4.72 0.07
N PHE B 111 14.89 4.99 0.56
CA PHE B 111 13.73 4.98 -0.33
C PHE B 111 13.56 6.25 -1.13
N MET B 112 14.21 7.33 -0.68
CA MET B 112 13.96 8.66 -1.25
C MET B 112 14.93 9.04 -2.35
N LEU B 113 15.22 8.12 -3.27
CA LEU B 113 16.20 8.43 -4.32
C LEU B 113 15.67 9.46 -5.30
N TRP B 114 16.53 10.40 -5.68
CA TRP B 114 16.15 11.48 -6.58
C TRP B 114 16.22 11.07 -8.05
N SER B 115 16.86 9.94 -8.32
CA SER B 115 16.83 9.33 -9.64
C SER B 115 16.34 7.89 -9.54
N GLY B 116 15.66 7.40 -10.58
CA GLY B 116 15.21 6.01 -10.55
C GLY B 116 16.24 5.03 -11.08
N GLU B 117 17.37 5.53 -11.58
CA GLU B 117 18.30 4.71 -12.36
C GLU B 117 18.80 3.43 -11.65
N THR B 118 19.05 3.49 -10.35
CA THR B 118 19.57 2.33 -9.65
C THR B 118 18.50 1.39 -9.07
N MET B 119 17.23 1.76 -9.19
CA MET B 119 16.16 0.98 -8.57
C MET B 119 15.98 -0.34 -9.29
N THR B 120 15.67 -1.40 -8.55
CA THR B 120 15.50 -2.74 -9.16
C THR B 120 14.40 -2.72 -10.22
N ASN B 121 13.33 -1.96 -9.98
CA ASN B 121 12.23 -1.87 -10.94
C ASN B 121 12.69 -1.20 -12.24
N THR B 122 13.44 -0.12 -12.11
CA THR B 122 13.96 0.57 -13.30
C THR B 122 14.89 -0.33 -14.10
N GLN B 123 15.77 -1.06 -13.41
CA GLN B 123 16.67 -1.98 -14.08
C GLN B 123 15.91 -3.08 -14.84
N LEU B 124 14.88 -3.63 -14.21
CA LEU B 124 14.09 -4.69 -14.83
C LEU B 124 13.42 -4.21 -16.11
N TRP B 125 12.95 -2.97 -16.07
CA TRP B 125 12.20 -2.37 -17.17
C TRP B 125 13.07 -1.65 -18.20
N ALA B 126 14.37 -1.60 -17.97
CA ALA B 126 15.28 -0.83 -18.81
C ALA B 126 15.14 -1.11 -20.32
N PRO B 127 14.97 -2.39 -20.74
CA PRO B 127 14.87 -2.58 -22.20
C PRO B 127 13.72 -1.84 -22.88
N VAL B 128 12.69 -1.46 -22.13
CA VAL B 128 11.56 -0.72 -22.71
C VAL B 128 11.91 0.76 -22.90
N GLY B 129 12.83 1.24 -22.08
CA GLY B 129 13.35 2.59 -22.21
C GLY B 129 12.38 3.72 -21.89
N LEU B 130 11.40 3.47 -21.02
CA LEU B 130 10.43 4.50 -20.67
C LEU B 130 11.07 5.68 -19.97
N ASP B 131 12.10 5.42 -19.17
CA ASP B 131 12.73 6.51 -18.44
C ASP B 131 13.73 7.27 -19.31
N ARG B 132 13.99 6.79 -20.52
CA ARG B 132 14.95 7.47 -21.41
C ARG B 132 14.24 8.15 -22.59
N ARG B 133 13.00 7.74 -22.83
CA ARG B 133 12.22 8.23 -23.97
C ARG B 133 11.66 9.62 -23.65
N PRO B 134 11.84 10.59 -24.56
CA PRO B 134 11.24 11.91 -24.34
C PRO B 134 9.74 11.79 -24.11
N PRO B 135 9.14 12.72 -23.36
CA PRO B 135 7.69 12.66 -23.12
C PRO B 135 6.87 12.63 -24.42
N ASP B 136 5.82 11.83 -24.43
CA ASP B 136 4.88 11.83 -25.55
C ASP B 136 3.73 12.78 -25.28
N THR B 137 3.63 13.27 -24.06
CA THR B 137 2.59 14.21 -23.66
C THR B 137 3.18 15.41 -22.94
N THR B 138 2.93 16.61 -23.44
CA THR B 138 3.42 17.82 -22.80
C THR B 138 2.27 18.73 -22.35
N ASP B 139 1.05 18.35 -22.76
CA ASP B 139 -0.17 19.08 -22.42
C ASP B 139 -0.46 18.96 -20.92
N PRO B 140 -0.39 20.08 -20.19
CA PRO B 140 -0.57 20.03 -18.72
C PRO B 140 -1.94 19.51 -18.29
N VAL B 141 -2.95 19.69 -19.12
CA VAL B 141 -4.29 19.21 -18.79
C VAL B 141 -4.31 17.69 -18.77
N GLU B 142 -3.84 17.07 -19.85
CA GLU B 142 -3.81 15.61 -19.90
C GLU B 142 -2.86 15.03 -18.84
N LEU B 143 -1.72 15.69 -18.63
CA LEU B 143 -0.75 15.22 -17.64
C LEU B 143 -1.33 15.26 -16.24
N THR B 144 -2.08 16.32 -15.93
CA THR B 144 -2.70 16.43 -14.62
C THR B 144 -3.70 15.29 -14.40
N ASN B 145 -4.49 14.97 -15.41
CA ASN B 145 -5.41 13.85 -15.29
C ASN B 145 -4.67 12.53 -15.12
N TYR B 146 -3.64 12.30 -15.92
CA TYR B 146 -2.85 11.06 -15.82
C TYR B 146 -2.19 10.92 -14.44
N VAL B 147 -1.51 11.97 -13.98
CA VAL B 147 -0.72 11.82 -12.76
C VAL B 147 -1.62 11.73 -11.53
N LYS B 148 -2.80 12.37 -11.57
CA LYS B 148 -3.72 12.26 -10.46
C LYS B 148 -4.34 10.87 -10.42
N PHE B 149 -4.68 10.30 -11.59
CA PHE B 149 -5.14 8.91 -11.62
C PHE B 149 -4.07 8.00 -10.99
N ALA B 150 -2.82 8.17 -11.43
CA ALA B 150 -1.72 7.38 -10.88
C ALA B 150 -1.59 7.59 -9.37
N ALA B 151 -1.82 8.82 -8.91
CA ALA B 151 -1.70 9.12 -7.49
C ALA B 151 -2.72 8.34 -6.67
N ARG B 152 -3.94 8.21 -7.20
CA ARG B 152 -4.96 7.44 -6.48
C ARG B 152 -4.60 5.95 -6.49
N MET B 153 -4.10 5.44 -7.61
CA MET B 153 -3.59 4.06 -7.64
C MET B 153 -2.50 3.85 -6.60
N ALA B 154 -1.67 4.88 -6.42
CA ALA B 154 -0.52 4.82 -5.53
C ALA B 154 -0.87 5.03 -4.04
N GLY B 155 -2.15 5.17 -3.73
CA GLY B 155 -2.55 5.19 -2.32
C GLY B 155 -2.94 6.52 -1.71
N ALA B 156 -2.96 7.57 -2.52
CA ALA B 156 -3.42 8.88 -2.04
C ALA B 156 -4.93 8.89 -1.93
N ASP B 157 -5.41 9.42 -0.81
CA ASP B 157 -6.85 9.66 -0.63
C ASP B 157 -7.23 11.03 -1.14
N LEU B 158 -6.29 11.97 -1.04
CA LEU B 158 -6.41 13.32 -1.63
C LEU B 158 -5.18 13.61 -2.48
N VAL B 159 -5.35 14.35 -3.57
CA VAL B 159 -4.18 14.80 -4.32
C VAL B 159 -4.42 16.19 -4.90
N GLY B 160 -3.39 17.02 -4.86
CA GLY B 160 -3.50 18.36 -5.39
C GLY B 160 -2.16 18.78 -5.97
N VAL B 161 -2.19 19.81 -6.81
CA VAL B 161 -1.02 20.31 -7.48
C VAL B 161 -0.85 21.80 -7.20
N ALA B 162 0.37 22.22 -6.88
CA ALA B 162 0.67 23.65 -6.79
C ALA B 162 1.96 23.96 -7.51
N ARG B 163 2.13 25.22 -7.92
CA ARG B 163 3.46 25.68 -8.30
C ARG B 163 4.34 25.58 -7.06
N LEU B 164 5.60 25.20 -7.25
CA LEU B 164 6.54 25.09 -6.14
C LEU B 164 6.91 26.47 -5.59
N ASN B 165 6.54 26.73 -4.34
CA ASN B 165 6.98 27.93 -3.64
C ASN B 165 8.24 27.61 -2.86
N ARG B 166 9.36 28.20 -3.26
CA ARG B 166 10.64 27.82 -2.68
C ARG B 166 10.80 28.26 -1.23
N ASN B 167 9.92 29.15 -0.76
CA ASN B 167 9.94 29.58 0.63
C ASN B 167 9.74 28.43 1.61
N TRP B 168 9.08 27.36 1.17
CA TRP B 168 8.78 26.25 2.07
C TRP B 168 9.76 25.11 1.89
N VAL B 169 10.70 25.25 0.96
CA VAL B 169 11.75 24.25 0.79
C VAL B 169 12.84 24.53 1.82
N TYR B 170 13.27 23.51 2.56
CA TYR B 170 14.28 23.71 3.60
C TYR B 170 15.52 24.33 2.99
N SER B 171 16.12 25.29 3.69
CA SER B 171 17.34 25.90 3.20
C SER B 171 18.46 24.86 3.15
N GLU B 172 18.48 24.01 4.18
CA GLU B 172 19.44 22.93 4.29
C GLU B 172 18.70 21.72 4.83
N ALA B 173 19.01 20.56 4.26
CA ALA B 173 18.38 19.31 4.68
C ALA B 173 19.21 18.63 5.77
N VAL B 174 18.54 17.81 6.58
CA VAL B 174 19.24 16.85 7.44
C VAL B 174 19.41 15.57 6.63
N THR B 175 20.64 15.06 6.56
CA THR B 175 20.89 13.88 5.77
C THR B 175 22.08 13.13 6.37
N ILE B 176 22.61 12.15 5.64
CA ILE B 176 23.82 11.44 6.06
C ILE B 176 24.74 11.33 4.86
N PRO B 177 26.05 11.12 5.10
CA PRO B 177 26.93 10.89 3.95
C PRO B 177 26.46 9.66 3.16
N ALA B 178 26.65 9.69 1.85
CA ALA B 178 26.06 8.70 0.96
C ALA B 178 26.55 7.27 1.20
N ASP B 179 27.78 7.14 1.70
CA ASP B 179 28.34 5.81 1.92
C ASP B 179 28.25 5.34 3.38
N VAL B 180 27.53 6.09 4.21
CA VAL B 180 27.32 5.65 5.59
C VAL B 180 26.20 4.60 5.62
N PRO B 181 26.46 3.44 6.23
CA PRO B 181 25.48 2.35 6.27
C PRO B 181 24.37 2.67 7.25
N TYR B 182 23.21 2.03 7.10
CA TYR B 182 22.08 2.35 7.96
C TYR B 182 22.43 2.33 9.45
N GLU B 183 23.18 1.32 9.89
CA GLU B 183 23.44 1.14 11.31
C GLU B 183 24.18 2.33 11.95
N GLN B 184 24.81 3.16 11.12
CA GLN B 184 25.50 4.35 11.64
C GLN B 184 24.73 5.65 11.37
N SER B 185 23.57 5.55 10.70
CA SER B 185 22.89 6.74 10.20
C SER B 185 22.52 7.75 11.30
N LEU B 186 21.93 7.26 12.39
CA LEU B 186 21.49 8.13 13.47
C LEU B 186 22.65 8.92 14.09
N HIS B 187 23.86 8.34 14.07
CA HIS B 187 25.03 8.99 14.67
C HIS B 187 25.82 9.88 13.72
N LYS B 188 25.45 9.88 12.44
CA LYS B 188 26.23 10.63 11.46
C LYS B 188 25.37 11.55 10.62
N GLU B 189 24.29 12.06 11.21
CA GLU B 189 23.47 13.05 10.52
C GLU B 189 24.23 14.36 10.35
N ILE B 190 24.07 14.94 9.17
CA ILE B 190 24.71 16.17 8.80
C ILE B 190 23.71 17.12 8.16
N GLU B 191 24.12 18.37 7.98
N GLU B 191 24.15 18.36 7.92
CA GLU B 191 23.32 19.34 7.24
CA GLU B 191 23.32 19.38 7.28
C GLU B 191 23.86 19.46 5.84
C GLU B 191 23.86 19.70 5.89
N LYS B 192 22.97 19.77 4.91
CA LYS B 192 23.39 19.92 3.51
C LYS B 192 22.45 20.87 2.78
N PRO B 193 23.00 21.93 2.18
CA PRO B 193 22.18 22.90 1.45
C PRO B 193 21.37 22.29 0.31
N ILE B 194 20.13 22.74 0.20
CA ILE B 194 19.31 22.49 -0.98
C ILE B 194 19.30 23.77 -1.82
N VAL B 195 19.76 23.68 -3.05
CA VAL B 195 19.90 24.86 -3.90
C VAL B 195 19.24 24.64 -5.25
N PHE B 196 18.87 25.74 -5.89
CA PHE B 196 18.27 25.66 -7.21
C PHE B 196 19.24 26.18 -8.26
N LYS B 197 19.49 25.38 -9.28
CA LYS B 197 20.43 25.77 -10.34
C LYS B 197 19.94 25.38 -11.72
N ASP B 198 20.54 25.98 -12.74
CA ASP B 198 20.24 25.62 -14.12
C ASP B 198 20.99 24.34 -14.50
N VAL B 199 20.37 23.22 -14.16
CA VAL B 199 20.90 21.90 -14.51
C VAL B 199 19.75 21.08 -15.10
N PRO B 200 20.05 20.03 -15.88
CA PRO B 200 18.96 19.29 -16.50
C PRO B 200 18.18 18.39 -15.54
N LEU B 201 18.86 17.82 -14.56
CA LEU B 201 18.25 16.81 -13.68
C LEU B 201 18.58 17.06 -12.22
N PRO B 202 17.71 16.61 -11.30
CA PRO B 202 18.08 16.67 -9.88
C PRO B 202 19.38 15.91 -9.64
N ILE B 203 20.31 16.51 -8.91
CA ILE B 203 21.62 15.92 -8.73
C ILE B 203 22.16 16.27 -7.35
N GLU B 204 22.91 15.35 -6.76
CA GLU B 204 23.55 15.62 -5.49
C GLU B 204 25.06 15.57 -5.65
N THR B 205 25.75 16.61 -5.18
CA THR B 205 27.20 16.62 -5.17
C THR B 205 27.67 16.40 -3.73
N ASP B 206 28.98 16.40 -3.51
CA ASP B 206 29.50 16.30 -2.15
C ASP B 206 28.95 17.43 -1.30
N ASP B 207 28.71 18.58 -1.93
CA ASP B 207 28.43 19.82 -1.21
C ASP B 207 26.97 20.22 -1.17
N GLU B 208 26.20 19.81 -2.19
CA GLU B 208 24.86 20.34 -2.38
C GLU B 208 23.83 19.33 -2.88
N LEU B 209 22.60 19.50 -2.43
CA LEU B 209 21.44 18.88 -3.08
C LEU B 209 20.91 19.89 -4.09
N ILE B 210 20.95 19.53 -5.37
CA ILE B 210 20.64 20.50 -6.41
C ILE B 210 19.33 20.16 -7.11
N ILE B 211 18.36 21.04 -6.94
CA ILE B 211 17.07 20.93 -7.63
C ILE B 211 17.11 21.82 -8.87
N PRO B 212 16.67 21.30 -10.03
CA PRO B 212 16.73 22.15 -11.21
C PRO B 212 15.77 23.34 -11.13
N ASN B 213 16.15 24.44 -11.78
CA ASN B 213 15.26 25.59 -11.90
C ASN B 213 13.96 25.25 -12.65
N THR B 214 13.99 24.16 -13.41
CA THR B 214 12.81 23.73 -14.16
C THR B 214 11.82 22.97 -13.30
N CYS B 215 12.15 22.78 -12.02
CA CYS B 215 11.27 22.03 -11.12
C CYS B 215 10.10 22.90 -10.71
N GLU B 216 9.08 22.94 -11.56
CA GLU B 216 8.04 23.95 -11.48
C GLU B 216 6.97 23.65 -10.44
N ASN B 217 6.71 22.37 -10.22
CA ASN B 217 5.49 21.93 -9.56
C ASN B 217 5.71 21.01 -8.37
N VAL B 218 4.74 21.01 -7.46
CA VAL B 218 4.72 20.04 -6.38
C VAL B 218 3.35 19.37 -6.39
N ILE B 219 3.37 18.05 -6.27
CA ILE B 219 2.18 17.23 -6.18
C ILE B 219 2.04 16.81 -4.73
N VAL B 220 0.95 17.18 -4.08
CA VAL B 220 0.78 16.88 -2.65
C VAL B 220 -0.31 15.81 -2.46
N ALA B 221 0.01 14.78 -1.69
CA ALA B 221 -0.94 13.71 -1.38
C ALA B 221 -1.36 13.72 0.07
N GLY B 222 -2.65 13.48 0.30
CA GLY B 222 -3.20 13.22 1.62
C GLY B 222 -3.43 11.73 1.79
N ILE B 223 -2.93 11.18 2.90
CA ILE B 223 -3.00 9.76 3.21
C ILE B 223 -3.79 9.64 4.51
N ALA B 224 -5.04 9.19 4.39
CA ALA B 224 -5.99 9.27 5.51
C ALA B 224 -5.65 8.29 6.62
N MET B 225 -5.66 8.78 7.86
CA MET B 225 -5.48 7.93 9.03
C MET B 225 -6.82 7.36 9.49
N ASN B 226 -6.78 6.40 10.40
CA ASN B 226 -8.00 5.76 10.87
C ASN B 226 -8.59 6.52 12.04
N ARG B 227 -9.88 6.85 11.96
CA ARG B 227 -10.52 7.67 12.97
C ARG B 227 -10.59 6.98 14.33
N GLU B 228 -11.04 5.72 14.37
CA GLU B 228 -11.16 5.00 15.62
C GLU B 228 -9.82 4.89 16.35
N MET B 229 -8.76 4.63 15.58
CA MET B 229 -7.43 4.50 16.19
C MET B 229 -6.87 5.84 16.65
N MET B 230 -7.00 6.89 15.84
CA MET B 230 -6.51 8.20 16.25
C MET B 230 -7.26 8.69 17.49
N GLN B 231 -8.53 8.32 17.63
CA GLN B 231 -9.26 8.78 18.82
C GLN B 231 -8.79 8.11 20.12
N THR B 232 -7.85 7.17 20.04
CA THR B 232 -7.23 6.63 21.25
C THR B 232 -6.01 7.46 21.68
N ALA B 233 -5.68 8.52 20.95
CA ALA B 233 -4.57 9.40 21.33
C ALA B 233 -4.70 9.80 22.80
N PRO B 234 -3.58 9.81 23.55
CA PRO B 234 -2.19 9.60 23.14
C PRO B 234 -1.71 8.14 23.24
N ASN B 235 -2.64 7.20 23.19
CA ASN B 235 -2.31 5.81 23.47
C ASN B 235 -1.85 5.07 22.22
N SER B 236 -1.56 3.78 22.36
CA SER B 236 -0.76 3.08 21.35
C SER B 236 -1.42 2.93 19.98
N MET B 237 -2.75 2.81 19.93
CA MET B 237 -3.37 2.58 18.64
C MET B 237 -3.31 3.84 17.76
N ALA B 238 -3.25 5.02 18.38
CA ALA B 238 -3.01 6.26 17.63
C ALA B 238 -1.62 6.23 17.01
N CYS B 239 -0.67 5.66 17.74
CA CYS B 239 0.68 5.50 17.21
C CYS B 239 0.69 4.56 16.02
N ALA B 240 -0.17 3.54 16.06
CA ALA B 240 -0.17 2.55 14.99
C ALA B 240 -0.74 3.11 13.68
N THR B 241 -1.82 3.89 13.73
CA THR B 241 -2.34 4.43 12.47
C THR B 241 -1.34 5.45 11.88
N THR B 242 -0.70 6.22 12.77
CA THR B 242 0.37 7.12 12.35
C THR B 242 1.45 6.36 11.58
N ALA B 243 1.94 5.29 12.18
CA ALA B 243 3.06 4.53 11.62
C ALA B 243 2.70 3.89 10.28
N PHE B 244 1.54 3.24 10.20
CA PHE B 244 1.18 2.61 8.93
C PHE B 244 1.07 3.64 7.81
N CYS B 245 0.59 4.83 8.12
CA CYS B 245 0.47 5.84 7.10
C CYS B 245 1.82 6.39 6.64
N TYR B 246 2.85 6.37 7.50
CA TYR B 246 4.18 6.72 7.01
C TYR B 246 4.69 5.73 5.97
N SER B 247 4.40 4.45 6.15
CA SER B 247 4.82 3.48 5.15
C SER B 247 3.99 3.67 3.88
N ARG B 248 2.71 4.01 4.02
CA ARG B 248 1.89 4.36 2.85
C ARG B 248 2.43 5.57 2.09
N MET B 249 2.90 6.58 2.83
CA MET B 249 3.58 7.74 2.21
C MET B 249 4.76 7.32 1.35
N CYS B 250 5.58 6.45 1.92
CA CYS B 250 6.79 6.02 1.23
C CYS B 250 6.44 5.32 -0.07
N MET B 251 5.51 4.38 -0.01
CA MET B 251 5.11 3.69 -1.22
C MET B 251 4.49 4.64 -2.24
N PHE B 252 3.69 5.59 -1.77
CA PHE B 252 3.14 6.60 -2.66
C PHE B 252 4.24 7.33 -3.42
N ASP B 253 5.23 7.85 -2.68
CA ASP B 253 6.30 8.61 -3.31
C ASP B 253 7.02 7.79 -4.36
N MET B 254 7.35 6.54 -4.04
CA MET B 254 8.12 5.71 -4.98
C MET B 254 7.30 5.38 -6.21
N TRP B 255 6.06 4.96 -6.01
CA TRP B 255 5.19 4.64 -7.12
C TRP B 255 5.02 5.85 -8.05
N LEU B 256 4.75 7.01 -7.47
CA LEU B 256 4.44 8.19 -8.30
C LEU B 256 5.68 8.70 -9.00
N CYS B 257 6.81 8.72 -8.30
CA CYS B 257 8.06 9.14 -8.95
C CYS B 257 8.38 8.23 -10.13
N GLN B 258 8.17 6.94 -9.96
CA GLN B 258 8.45 6.03 -11.06
C GLN B 258 7.50 6.30 -12.23
N PHE B 259 6.21 6.52 -11.95
CA PHE B 259 5.27 6.86 -13.01
C PHE B 259 5.73 8.11 -13.78
N ILE B 260 6.08 9.16 -13.04
CA ILE B 260 6.50 10.42 -13.65
C ILE B 260 7.77 10.25 -14.49
N ARG B 261 8.72 9.47 -13.98
CA ARG B 261 9.95 9.19 -14.70
C ARG B 261 9.67 8.40 -15.97
N TYR B 262 8.76 7.43 -15.87
CA TYR B 262 8.43 6.59 -17.02
C TYR B 262 7.59 7.35 -18.05
N MET B 263 7.08 8.53 -17.67
CA MET B 263 6.41 9.46 -18.58
C MET B 263 7.38 10.42 -19.26
N GLY B 264 8.65 10.37 -18.87
CA GLY B 264 9.66 11.19 -19.52
C GLY B 264 10.06 12.44 -18.74
N TYR B 265 9.65 12.53 -17.48
CA TYR B 265 10.01 13.68 -16.64
C TYR B 265 10.84 13.24 -15.45
N TYR B 266 11.35 14.18 -14.64
CA TYR B 266 12.02 13.76 -13.40
C TYR B 266 11.09 13.99 -12.21
N ALA B 267 11.43 13.38 -11.08
CA ALA B 267 10.55 13.42 -9.91
C ALA B 267 11.38 13.26 -8.65
N ILE B 268 11.14 14.13 -7.68
CA ILE B 268 11.86 14.09 -6.42
C ILE B 268 10.89 13.69 -5.31
N PRO B 269 11.12 12.53 -4.65
CA PRO B 269 10.26 12.13 -3.54
C PRO B 269 10.62 12.91 -2.28
N SER B 270 9.83 12.83 -1.21
CA SER B 270 10.27 13.52 0.00
C SER B 270 9.74 13.01 1.35
N CYS B 271 8.52 12.47 1.39
CA CYS B 271 7.89 12.13 2.67
C CYS B 271 8.04 13.32 3.63
N ASN B 272 8.67 13.15 4.81
CA ASN B 272 8.78 14.30 5.73
C ASN B 272 9.97 15.23 5.47
N GLY B 273 10.78 14.91 4.47
CA GLY B 273 11.92 15.76 4.17
C GLY B 273 11.64 16.85 3.13
N VAL B 274 12.73 17.52 2.75
CA VAL B 274 12.84 18.51 1.67
C VAL B 274 12.12 19.84 1.92
N GLY B 275 10.88 19.80 2.39
CA GLY B 275 10.15 21.03 2.65
C GLY B 275 8.95 20.84 3.55
N GLN B 276 8.25 21.94 3.84
CA GLN B 276 7.16 21.93 4.80
C GLN B 276 5.85 21.54 4.16
N SER B 277 5.40 20.33 4.47
CA SER B 277 4.23 19.73 3.84
C SER B 277 2.94 20.52 4.02
N VAL B 278 2.77 21.12 5.19
CA VAL B 278 1.52 21.82 5.45
C VAL B 278 1.37 23.02 4.50
N ALA B 279 2.47 23.75 4.29
CA ALA B 279 2.43 24.90 3.41
C ALA B 279 2.11 24.46 1.98
N PHE B 280 2.76 23.40 1.51
CA PHE B 280 2.48 22.89 0.17
C PHE B 280 1.03 22.43 0.05
N ALA B 281 0.53 21.74 1.08
CA ALA B 281 -0.84 21.22 1.05
C ALA B 281 -1.87 22.35 0.95
N VAL B 282 -1.63 23.43 1.69
CA VAL B 282 -2.51 24.58 1.63
C VAL B 282 -2.47 25.23 0.25
N GLU B 283 -1.27 25.32 -0.31
CA GLU B 283 -1.14 25.98 -1.62
C GLU B 283 -1.71 25.10 -2.73
N ALA B 284 -1.72 23.80 -2.51
CA ALA B 284 -2.29 22.86 -3.49
C ALA B 284 -3.80 22.64 -3.29
N GLY B 285 -4.37 23.31 -2.29
CA GLY B 285 -5.81 23.29 -2.08
C GLY B 285 -6.38 22.07 -1.35
N LEU B 286 -5.53 21.29 -0.69
CA LEU B 286 -6.03 20.15 0.10
C LEU B 286 -6.83 20.59 1.31
N GLY B 287 -6.43 21.71 1.91
CA GLY B 287 -7.14 22.23 3.06
C GLY B 287 -6.58 23.56 3.48
N GLN B 288 -6.86 23.94 4.73
CA GLN B 288 -6.41 25.21 5.29
C GLN B 288 -5.55 24.98 6.52
N ALA B 289 -4.63 25.92 6.79
CA ALA B 289 -3.86 25.87 8.02
C ALA B 289 -4.78 26.11 9.21
N SER B 290 -4.36 25.63 10.37
CA SER B 290 -5.22 25.62 11.56
C SER B 290 -4.48 26.08 12.81
N ARG B 291 -5.18 26.16 13.93
CA ARG B 291 -4.55 26.58 15.19
C ARG B 291 -3.45 25.60 15.61
N MET B 292 -3.74 24.30 15.50
CA MET B 292 -2.77 23.30 15.96
C MET B 292 -1.54 23.28 15.05
N GLY B 293 -1.69 23.79 13.83
CA GLY B 293 -0.58 23.88 12.90
C GLY B 293 -0.72 22.95 11.71
N ALA B 294 -1.69 22.05 11.78
CA ALA B 294 -1.93 21.08 10.72
C ALA B 294 -2.77 21.65 9.57
N CYS B 295 -2.70 20.99 8.41
CA CYS B 295 -3.61 21.27 7.31
C CYS B 295 -4.91 20.52 7.57
N ILE B 296 -6.01 21.28 7.70
CA ILE B 296 -7.31 20.67 7.93
C ILE B 296 -8.05 20.55 6.61
N THR B 297 -8.47 19.31 6.30
CA THR B 297 -9.13 18.99 5.04
C THR B 297 -10.63 18.82 5.26
N PRO B 298 -11.43 19.09 4.21
CA PRO B 298 -12.88 18.87 4.36
C PRO B 298 -13.21 17.40 4.65
N GLU B 299 -12.47 16.48 4.05
CA GLU B 299 -12.81 15.06 4.14
C GLU B 299 -12.40 14.41 5.45
N PHE B 300 -11.24 14.82 5.97
CA PHE B 300 -10.64 14.12 7.11
C PHE B 300 -10.28 15.04 8.27
N GLY B 301 -10.58 16.32 8.14
CA GLY B 301 -10.03 17.30 9.07
C GLY B 301 -8.51 17.20 9.02
N PRO B 302 -7.86 17.31 10.19
CA PRO B 302 -6.40 17.15 10.27
C PRO B 302 -5.94 15.70 10.36
N ASN B 303 -6.86 14.74 10.35
CA ASN B 303 -6.53 13.33 10.59
C ASN B 303 -6.10 12.66 9.28
N VAL B 304 -5.05 13.21 8.69
CA VAL B 304 -4.59 12.80 7.38
C VAL B 304 -3.12 13.14 7.30
N ARG B 305 -2.31 12.23 6.76
CA ARG B 305 -0.90 12.52 6.61
C ARG B 305 -0.64 13.11 5.24
N LEU B 306 0.50 13.79 5.13
CA LEU B 306 0.87 14.46 3.88
C LEU B 306 2.19 13.95 3.34
N THR B 307 2.29 13.82 2.03
CA THR B 307 3.59 13.65 1.42
C THR B 307 3.56 14.42 0.11
N LYS B 308 4.68 14.54 -0.55
CA LYS B 308 4.72 15.34 -1.74
C LYS B 308 5.87 14.97 -2.67
N VAL B 309 5.69 15.26 -3.94
CA VAL B 309 6.66 14.93 -4.99
C VAL B 309 6.88 16.16 -5.86
N PHE B 310 8.13 16.48 -6.14
CA PHE B 310 8.48 17.66 -6.92
C PHE B 310 8.84 17.26 -8.34
N THR B 311 8.37 18.01 -9.33
CA THR B 311 8.58 17.59 -10.72
C THR B 311 8.55 18.74 -11.72
N ASN B 312 9.23 18.53 -12.85
CA ASN B 312 9.12 19.44 -14.00
C ASN B 312 7.96 19.09 -14.94
N MET B 313 7.24 18.02 -14.65
CA MET B 313 6.07 17.66 -15.45
C MET B 313 5.09 18.82 -15.50
N PRO B 314 4.73 19.28 -16.71
CA PRO B 314 3.73 20.34 -16.83
C PRO B 314 2.39 19.90 -16.24
N LEU B 315 1.79 20.76 -15.42
CA LEU B 315 0.57 20.42 -14.69
C LEU B 315 -0.29 21.67 -14.52
N VAL B 316 -1.57 21.46 -14.24
CA VAL B 316 -2.49 22.55 -13.93
C VAL B 316 -2.60 22.70 -12.42
N PRO B 317 -2.18 23.85 -11.88
CA PRO B 317 -2.29 24.03 -10.43
C PRO B 317 -3.74 24.03 -9.98
N ASP B 318 -4.00 23.40 -8.83
CA ASP B 318 -5.32 23.46 -8.23
C ASP B 318 -5.53 24.79 -7.52
N LYS B 319 -6.80 25.14 -7.29
CA LYS B 319 -7.11 26.35 -6.54
C LYS B 319 -7.06 26.11 -5.05
N PRO B 320 -6.59 27.10 -4.28
CA PRO B 320 -6.67 27.01 -2.82
C PRO B 320 -8.14 26.97 -2.39
N ILE B 321 -8.39 26.49 -1.18
CA ILE B 321 -9.76 26.34 -0.71
C ILE B 321 -9.95 27.11 0.60
N ASP B 322 -11.11 27.74 0.73
CA ASP B 322 -11.45 28.44 1.96
C ASP B 322 -12.82 27.99 2.40
N PHE B 323 -12.87 27.07 3.36
CA PHE B 323 -14.15 26.66 3.89
C PHE B 323 -14.32 27.11 5.34
N GLY B 324 -13.63 28.18 5.70
CA GLY B 324 -13.87 28.86 6.96
C GLY B 324 -13.08 28.36 8.16
N VAL B 325 -12.00 27.64 7.92
CA VAL B 325 -11.22 27.05 9.02
C VAL B 325 -10.63 28.13 9.92
N THR B 326 -10.07 29.18 9.30
CA THR B 326 -9.43 30.26 10.05
C THR B 326 -10.39 30.88 11.06
N GLU B 327 -11.62 31.15 10.61
CA GLU B 327 -12.61 31.78 11.47
C GLU B 327 -13.10 30.84 12.56
N PHE B 328 -13.14 29.55 12.26
CA PHE B 328 -13.53 28.56 13.27
C PHE B 328 -12.45 28.42 14.34
N CYS B 329 -11.19 28.29 13.94
CA CYS B 329 -10.09 28.17 14.89
C CYS B 329 -9.96 29.39 15.77
N GLU B 330 -10.43 30.53 15.25
CA GLU B 330 -10.36 31.78 15.99
C GLU B 330 -11.07 31.66 17.33
N THR B 331 -12.22 31.00 17.34
CA THR B 331 -13.05 30.92 18.53
C THR B 331 -13.03 29.56 19.23
N CYS B 332 -12.57 28.53 18.53
CA CYS B 332 -12.65 27.16 19.05
C CYS B 332 -11.67 26.89 20.21
N LYS B 333 -10.38 26.91 19.91
CA LYS B 333 -9.32 26.64 20.89
C LYS B 333 -9.37 25.28 21.62
N LYS B 334 -10.08 24.30 21.07
CA LYS B 334 -10.23 23.02 21.78
C LYS B 334 -8.93 22.21 21.82
N CYS B 335 -8.18 22.22 20.73
CA CYS B 335 -6.89 21.54 20.71
C CYS B 335 -5.98 22.15 21.78
N ALA B 336 -6.04 23.47 21.92
CA ALA B 336 -5.17 24.18 22.85
C ALA B 336 -5.52 23.86 24.30
N ARG B 337 -6.80 23.66 24.59
CA ARG B 337 -7.20 23.37 25.96
C ARG B 337 -6.92 21.91 26.34
N GLU B 338 -6.96 21.01 25.34
CA GLU B 338 -6.77 19.58 25.59
C GLU B 338 -5.32 19.14 25.50
N CYS B 339 -4.47 19.97 24.89
CA CYS B 339 -3.06 19.60 24.68
C CYS B 339 -2.35 19.32 26.01
N PRO B 340 -1.82 18.11 26.16
CA PRO B 340 -1.23 17.72 27.46
C PRO B 340 0.04 18.51 27.83
N SER B 341 0.63 19.22 26.88
CA SER B 341 1.87 19.95 27.16
C SER B 341 1.71 21.46 27.03
N LYS B 342 0.49 21.92 26.78
CA LYS B 342 0.20 23.34 26.52
C LYS B 342 1.10 23.92 25.43
N ALA B 343 1.32 23.14 24.39
CA ALA B 343 2.18 23.53 23.26
C ALA B 343 1.46 24.48 22.32
N ILE B 344 0.14 24.37 22.27
CA ILE B 344 -0.65 25.10 21.29
C ILE B 344 -1.18 26.42 21.87
N THR B 345 -0.93 27.51 21.15
CA THR B 345 -1.29 28.83 21.66
C THR B 345 -2.81 29.05 21.63
N GLU B 346 -3.30 29.81 22.62
CA GLU B 346 -4.68 30.26 22.60
C GLU B 346 -4.76 31.69 22.07
N GLY B 347 -3.61 32.22 21.65
CA GLY B 347 -3.53 33.62 21.23
C GLY B 347 -3.80 33.81 19.75
N PRO B 348 -3.66 35.06 19.27
CA PRO B 348 -3.86 35.40 17.85
C PRO B 348 -2.69 34.96 16.95
N ARG B 349 -2.90 34.98 15.64
CA ARG B 349 -1.83 34.66 14.70
C ARG B 349 -0.82 35.81 14.63
N THR B 350 0.45 35.47 14.43
CA THR B 350 1.50 36.49 14.27
C THR B 350 2.52 36.06 13.22
N PHE B 351 3.45 36.96 12.90
CA PHE B 351 4.54 36.67 11.98
C PHE B 351 5.82 36.29 12.72
N GLU B 352 5.75 36.22 14.05
CA GLU B 352 6.95 36.03 14.85
C GLU B 352 6.94 34.68 15.56
N GLY B 353 7.93 33.85 15.23
CA GLY B 353 8.05 32.53 15.82
C GLY B 353 8.19 32.58 17.32
N ARG B 354 7.65 31.57 18.00
CA ARG B 354 7.79 31.48 19.45
C ARG B 354 9.19 31.01 19.84
N SER B 355 9.79 30.18 19.00
CA SER B 355 11.14 29.69 19.26
C SER B 355 11.84 29.30 17.97
N ILE B 356 13.05 28.76 18.09
CA ILE B 356 13.84 28.34 16.95
C ILE B 356 13.08 27.36 16.03
N HIS B 357 12.13 26.61 16.59
CA HIS B 357 11.43 25.59 15.83
C HIS B 357 10.41 26.15 14.84
N ASN B 358 10.02 27.41 15.01
CA ASN B 358 9.10 28.06 14.08
C ASN B 358 9.81 28.84 13.00
N GLN B 359 9.25 28.86 11.80
CA GLN B 359 9.70 29.75 10.75
C GLN B 359 8.99 31.08 10.85
N SER B 360 9.72 32.13 11.24
CA SER B 360 9.17 33.49 11.30
C SER B 360 8.90 34.02 9.91
N GLY B 361 8.01 35.00 9.83
CA GLY B 361 7.76 35.69 8.57
C GLY B 361 6.50 35.27 7.82
N LYS B 362 5.72 34.37 8.42
CA LYS B 362 4.46 33.96 7.82
C LYS B 362 3.38 34.00 8.88
N LEU B 363 2.19 34.44 8.49
CA LEU B 363 1.09 34.58 9.44
C LEU B 363 0.51 33.22 9.80
N GLN B 364 0.67 32.83 11.05
CA GLN B 364 0.21 31.52 11.53
C GLN B 364 0.01 31.58 13.03
N TRP B 365 -0.64 30.56 13.57
CA TRP B 365 -0.65 30.36 15.01
C TRP B 365 0.70 29.76 15.38
N GLN B 366 1.42 30.44 16.27
CA GLN B 366 2.77 30.06 16.66
C GLN B 366 2.74 29.15 17.87
N ASN B 367 3.16 27.90 17.69
CA ASN B 367 3.11 26.92 18.76
C ASN B 367 4.51 26.54 19.28
N ASP B 368 4.59 26.09 20.53
CA ASP B 368 5.88 25.66 21.11
C ASP B 368 6.06 24.17 20.87
N TYR B 369 6.87 23.83 19.88
CA TYR B 369 6.95 22.44 19.47
C TYR B 369 7.95 21.62 20.28
N ASN B 370 8.77 22.30 21.07
CA ASN B 370 9.59 21.59 22.06
C ASN B 370 8.70 21.08 23.18
N LYS B 371 7.69 21.86 23.55
CA LYS B 371 6.75 21.41 24.56
C LYS B 371 6.02 20.16 24.08
N CYS B 372 5.61 20.16 22.81
CA CYS B 372 4.96 19.00 22.23
C CYS B 372 5.86 17.76 22.29
N LEU B 373 7.08 17.88 21.78
CA LEU B 373 7.96 16.72 21.73
C LEU B 373 8.26 16.20 23.14
N GLY B 374 8.33 17.10 24.12
CA GLY B 374 8.57 16.70 25.49
C GLY B 374 7.54 15.72 26.04
N TYR B 375 6.34 15.76 25.50
CA TYR B 375 5.28 14.87 25.98
C TYR B 375 5.40 13.46 25.39
N TRP B 376 6.19 13.31 24.33
CA TRP B 376 6.27 12.02 23.65
C TRP B 376 7.02 10.96 24.48
N PRO B 377 8.19 11.29 25.07
CA PRO B 377 8.78 10.27 25.95
C PRO B 377 7.95 10.00 27.20
N GLU B 378 7.26 11.03 27.69
N GLU B 378 7.28 11.05 27.68
CA GLU B 378 6.44 10.88 28.88
CA GLU B 378 6.42 10.94 28.84
C GLU B 378 5.27 9.95 28.62
C GLU B 378 5.30 9.93 28.60
N SER B 379 4.69 10.02 27.42
CA SER B 379 3.51 9.21 27.10
C SER B 379 3.85 7.95 26.33
N GLY B 380 5.08 7.87 25.84
CA GLY B 380 5.51 6.70 25.09
C GLY B 380 4.91 6.54 23.70
N GLY B 381 4.56 7.67 23.08
CA GLY B 381 3.96 7.63 21.76
C GLY B 381 4.17 8.91 20.96
N TYR B 382 3.24 9.19 20.03
CA TYR B 382 3.33 10.38 19.18
C TYR B 382 2.13 11.29 19.44
N CYS B 383 1.53 11.14 20.62
CA CYS B 383 0.37 11.87 21.08
C CYS B 383 -0.73 11.93 20.03
N GLY B 384 -1.01 13.11 19.49
CA GLY B 384 -2.08 13.25 18.52
C GLY B 384 -3.41 13.69 19.12
N VAL B 385 -3.39 14.11 20.38
CA VAL B 385 -4.63 14.50 21.05
C VAL B 385 -5.29 15.68 20.33
N CYS B 386 -4.48 16.61 19.82
CA CYS B 386 -5.01 17.75 19.08
C CYS B 386 -5.81 17.30 17.86
N VAL B 387 -5.25 16.38 17.08
CA VAL B 387 -5.95 15.78 15.94
C VAL B 387 -7.23 15.09 16.40
N ALA B 388 -7.13 14.32 17.48
CA ALA B 388 -8.27 13.55 17.96
C ALA B 388 -9.45 14.44 18.39
N VAL B 389 -9.18 15.56 19.04
CA VAL B 389 -10.27 16.37 19.59
C VAL B 389 -10.82 17.41 18.61
N CYS B 390 -10.13 17.64 17.51
CA CYS B 390 -10.55 18.66 16.57
C CYS B 390 -11.93 18.31 16.00
N PRO B 391 -12.88 19.25 16.07
CA PRO B 391 -14.21 18.99 15.49
C PRO B 391 -14.16 18.56 14.02
N PHE B 392 -13.17 19.03 13.27
CA PHE B 392 -13.08 18.71 11.85
C PHE B 392 -12.71 17.24 11.62
N THR B 393 -12.15 16.59 12.64
CA THR B 393 -11.79 15.17 12.56
C THR B 393 -13.04 14.28 12.62
N LYS B 394 -14.11 14.79 13.23
CA LYS B 394 -15.36 14.02 13.34
C LYS B 394 -16.01 13.73 11.99
N GLY B 395 -16.64 12.55 11.91
CA GLY B 395 -17.15 11.98 10.67
C GLY B 395 -17.82 12.89 9.65
N ASN B 396 -18.94 13.47 10.03
CA ASN B 396 -19.68 14.33 9.11
C ASN B 396 -20.07 15.67 9.74
N ILE B 397 -19.19 16.64 9.58
CA ILE B 397 -19.40 17.98 10.10
C ILE B 397 -20.15 18.82 9.06
N TRP B 398 -20.41 18.22 7.90
CA TRP B 398 -20.99 18.95 6.77
C TRP B 398 -22.49 18.79 6.67
N ILE B 399 -23.19 19.91 6.51
CA ILE B 399 -24.63 19.91 6.27
C ILE B 399 -24.97 20.81 5.08
N HIS B 400 -26.16 20.61 4.53
CA HIS B 400 -26.61 21.34 3.35
C HIS B 400 -27.98 21.97 3.63
N ASP B 401 -28.10 23.28 3.43
CA ASP B 401 -29.33 23.97 3.82
C ASP B 401 -30.36 24.08 2.70
N GLY B 402 -30.10 23.39 1.58
CA GLY B 402 -31.02 23.41 0.47
C GLY B 402 -30.52 24.20 -0.72
N VAL B 403 -29.47 24.99 -0.50
CA VAL B 403 -28.87 25.76 -1.56
C VAL B 403 -27.38 25.47 -1.66
N GLU B 404 -26.69 25.49 -0.52
CA GLU B 404 -25.24 25.28 -0.50
C GLU B 404 -24.78 24.53 0.74
N TRP B 405 -23.50 24.18 0.77
CA TRP B 405 -22.90 23.49 1.89
C TRP B 405 -22.37 24.46 2.94
N LEU B 406 -22.30 23.98 4.18
CA LEU B 406 -21.75 24.78 5.27
C LEU B 406 -21.32 23.89 6.42
N ILE B 407 -20.37 24.37 7.22
CA ILE B 407 -19.93 23.66 8.42
C ILE B 407 -21.02 23.72 9.47
N ASP B 408 -21.27 22.58 10.11
CA ASP B 408 -22.22 22.51 11.21
C ASP B 408 -21.59 23.11 12.48
N ASN B 409 -22.02 24.31 12.84
CA ASN B 409 -21.44 25.01 14.00
C ASN B 409 -21.64 24.26 15.31
N THR B 410 -22.67 23.43 15.37
CA THR B 410 -23.01 22.66 16.57
C THR B 410 -21.89 21.72 17.03
N ARG B 411 -20.97 21.41 16.13
CA ARG B 411 -19.89 20.48 16.45
C ARG B 411 -18.56 21.21 16.61
N ASN B 431 -12.72 2.32 24.26
CA ASN B 431 -11.34 2.06 24.65
C ASN B 431 -10.60 1.25 23.59
N ILE B 432 -9.36 0.90 23.89
CA ILE B 432 -8.56 0.20 22.89
C ILE B 432 -9.01 -1.25 22.64
N THR B 433 -9.57 -1.93 23.64
CA THR B 433 -10.10 -3.27 23.40
C THR B 433 -11.21 -3.21 22.37
N GLU B 434 -12.06 -2.19 22.49
CA GLU B 434 -13.15 -2.00 21.55
C GLU B 434 -12.66 -1.68 20.14
N VAL B 435 -11.51 -1.04 20.02
CA VAL B 435 -10.93 -0.79 18.71
C VAL B 435 -10.46 -2.12 18.08
N TRP B 436 -9.70 -2.90 18.84
CA TRP B 436 -9.24 -4.21 18.36
C TRP B 436 -10.39 -5.14 17.99
N ASP B 437 -11.51 -5.02 18.71
CA ASP B 437 -12.66 -5.88 18.49
C ASP B 437 -13.67 -5.25 17.53
N GLY B 438 -13.37 -4.06 17.04
CA GLY B 438 -14.36 -3.27 16.32
C GLY B 438 -14.14 -3.19 14.82
N LYS B 439 -14.76 -2.18 14.23
CA LYS B 439 -14.73 -1.98 12.78
C LYS B 439 -13.34 -1.71 12.22
N ILE B 440 -12.99 -2.44 11.16
CA ILE B 440 -11.80 -2.12 10.38
C ILE B 440 -12.07 -2.49 8.92
N ASN B 441 -11.27 -1.94 8.02
CA ASN B 441 -11.40 -2.26 6.60
C ASN B 441 -10.01 -2.01 6.00
N THR B 442 -9.88 -2.17 4.70
CA THR B 442 -8.54 -2.20 4.09
C THR B 442 -7.79 -0.88 4.28
N TYR B 443 -6.54 -0.98 4.73
CA TYR B 443 -5.70 0.20 5.05
C TYR B 443 -6.31 1.09 6.10
N GLY B 444 -7.29 0.57 6.84
CA GLY B 444 -7.92 1.37 7.88
C GLY B 444 -8.90 2.40 7.35
N LEU B 445 -9.19 2.34 6.05
CA LEU B 445 -10.19 3.20 5.43
C LEU B 445 -11.59 2.78 5.87
N ASP B 446 -12.54 3.70 5.76
CA ASP B 446 -13.90 3.51 6.29
C ASP B 446 -14.90 3.59 5.16
N ALA B 447 -15.62 2.49 4.92
CA ALA B 447 -16.57 2.45 3.81
C ALA B 447 -17.75 3.39 4.01
N ASP B 448 -17.97 3.84 5.24
CA ASP B 448 -19.01 4.83 5.50
C ASP B 448 -18.69 6.18 4.86
N HIS B 449 -17.42 6.42 4.58
CA HIS B 449 -16.93 7.71 4.10
C HIS B 449 -16.17 7.62 2.78
N PHE B 450 -15.81 6.40 2.37
CA PHE B 450 -14.89 6.23 1.26
C PHE B 450 -15.43 6.82 -0.05
N ARG B 451 -16.75 6.96 -0.16
CA ARG B 451 -17.33 7.59 -1.35
C ARG B 451 -16.87 9.04 -1.50
N ASP B 452 -16.50 9.69 -0.40
CA ASP B 452 -16.10 11.10 -0.47
C ASP B 452 -14.86 11.33 -1.32
N THR B 453 -14.06 10.29 -1.54
CA THR B 453 -12.83 10.47 -2.29
C THR B 453 -12.87 9.81 -3.67
N VAL B 454 -14.07 9.44 -4.11
CA VAL B 454 -14.23 8.98 -5.48
C VAL B 454 -13.82 10.11 -6.42
N SER B 455 -13.28 9.75 -7.58
CA SER B 455 -12.75 10.74 -8.50
C SER B 455 -13.05 10.40 -9.95
N PHE B 456 -13.50 11.40 -10.68
CA PHE B 456 -13.71 11.32 -12.13
C PHE B 456 -12.85 12.40 -12.76
N ARG B 457 -12.70 12.38 -14.09
CA ARG B 457 -11.85 13.39 -14.73
C ARG B 457 -12.24 14.82 -14.34
N LYS B 458 -13.54 15.11 -14.28
CA LYS B 458 -13.97 16.49 -14.02
C LYS B 458 -13.44 17.04 -12.69
N ASP B 459 -13.18 16.19 -11.71
CA ASP B 459 -12.66 16.70 -10.45
C ASP B 459 -11.14 16.57 -10.38
N ARG B 460 -10.52 15.96 -11.39
CA ARG B 460 -9.06 15.88 -11.47
C ARG B 460 -8.48 17.09 -12.20
N VAL B 461 -9.17 17.56 -13.23
CA VAL B 461 -8.67 18.73 -13.98
C VAL B 461 -9.79 19.46 -14.72
#